data_7BHI
#
_entry.id   7BHI
#
_cell.length_a   40.471
_cell.length_b   55.010
_cell.length_c   89.990
_cell.angle_alpha   81.380
_cell.angle_beta   86.360
_cell.angle_gamma   89.950
#
_symmetry.space_group_name_H-M   'P 1'
#
loop_
_entity.id
_entity.type
_entity.pdbx_description
1 polymer 'Conserved protein'
2 non-polymer 'MANGANESE (II) ION'
3 water water
#
_entity_poly.entity_id   1
_entity_poly.type   'polypeptide(L)'
_entity_poly.pdbx_seq_one_letter_code
;MTHRKQPSSSSKLPDSILKRGAEASKVLEEHLERGNIIRIISHNDADGLSAAGVVARAISSMNGQFHISILSRLKKEFIK
KLSGEKYSLFFFCDMGSAYLEEISRLKGDVIVADHHQPSESEAGPHVVHINPHLHGLDGSRDLSASGTAYLATRLLNRKT
APLALVGALGDMQYTDGFTGANRFIMEEAVEEGVLQVHSDLKLASRYTEPLYRSIAYTFNPALPGLTGDMEASMGFLENI
GVSYGVKYPDLSPEERDVLRDELTRINPEIFGEVFTSREFRNIGDLSDIAGVLDACGKNRKYGIGIGLCLGEREGALDVA
LELQKNYREELVKGLAWIRREGSTTLENLQYIYSEDKAFKGIMGTIASISLSLKILDPDIPLLGLSRMDQHVKVSARTTR
PAVERGVNLGVALRDAAASFGGTGGGHDIAAGAMVPYRDMESFLQLVDEILGTQTGPAENLYFQ
;
_entity_poly.pdbx_strand_id   A,B
#
loop_
_chem_comp.id
_chem_comp.type
_chem_comp.name
_chem_comp.formula
MN non-polymer 'MANGANESE (II) ION' 'Mn 2'
#
# COMPACT_ATOMS: atom_id res chain seq x y z
N LYS A 12 3.65 9.21 22.05
CA LYS A 12 3.68 8.87 23.50
C LYS A 12 3.65 7.35 23.71
N LEU A 13 4.78 6.77 24.11
CA LEU A 13 4.87 5.32 24.39
C LEU A 13 6.05 4.91 25.31
N PRO A 14 5.76 4.30 26.48
CA PRO A 14 6.83 3.89 27.41
C PRO A 14 7.94 3.03 26.82
N ASP A 15 9.18 3.24 27.29
CA ASP A 15 10.33 2.47 26.80
C ASP A 15 10.24 0.99 27.21
N SER A 16 9.49 0.73 28.28
CA SER A 16 9.22 -0.64 28.68
C SER A 16 8.38 -1.36 27.62
N ILE A 17 7.26 -0.76 27.21
CA ILE A 17 6.36 -1.35 26.17
C ILE A 17 6.98 -1.48 24.77
N LEU A 18 8.10 -0.79 24.52
CA LEU A 18 8.88 -0.92 23.29
C LEU A 18 10.10 -1.82 23.44
N LYS A 19 10.74 -1.84 24.61
CA LYS A 19 11.88 -2.72 24.85
C LYS A 19 11.45 -4.19 24.84
N ARG A 20 10.25 -4.50 25.36
CA ARG A 20 9.67 -5.86 25.23
C ARG A 20 9.20 -6.16 23.80
N GLY A 21 8.73 -5.12 23.10
CA GLY A 21 8.54 -5.18 21.66
C GLY A 21 9.77 -5.65 20.89
N ALA A 22 10.97 -5.31 21.37
CA ALA A 22 12.23 -5.70 20.73
C ALA A 22 12.70 -7.11 21.04
N GLU A 23 12.52 -7.56 22.27
CA GLU A 23 12.86 -8.97 22.61
C GLU A 23 12.04 -9.93 21.76
N ALA A 24 10.73 -9.66 21.71
CA ALA A 24 9.76 -10.36 20.86
C ALA A 24 10.18 -10.46 19.39
N SER A 25 10.59 -9.34 18.82
CA SER A 25 11.08 -9.33 17.44
C SER A 25 12.37 -10.14 17.27
N LYS A 26 13.32 -9.96 18.20
CA LYS A 26 14.63 -10.62 18.10
C LYS A 26 14.49 -12.14 18.25
N VAL A 27 13.57 -12.60 19.09
CA VAL A 27 13.27 -14.04 19.18
C VAL A 27 12.62 -14.55 17.89
N LEU A 28 11.72 -13.77 17.29
CA LEU A 28 11.11 -14.15 16.02
C LEU A 28 12.15 -14.40 14.92
N GLU A 29 13.19 -13.57 14.85
CA GLU A 29 14.26 -13.72 13.81
C GLU A 29 15.22 -14.90 14.03
N GLU A 30 15.50 -15.26 15.29
CA GLU A 30 16.35 -16.42 15.59
C GLU A 30 15.70 -17.75 15.16
N HIS A 31 14.37 -17.77 15.01
CA HIS A 31 13.66 -18.93 14.45
C HIS A 31 13.46 -18.81 12.94
N LEU A 32 13.24 -17.59 12.45
CA LEU A 32 13.13 -17.34 11.01
C LEU A 32 14.41 -17.66 10.26
N GLU A 33 15.56 -17.28 10.85
CA GLU A 33 16.88 -17.65 10.31
C GLU A 33 17.13 -19.16 10.37
N ARG A 34 16.73 -19.80 11.47
CA ARG A 34 16.85 -21.25 11.63
C ARG A 34 15.89 -22.06 10.72
N GLY A 35 15.14 -21.37 9.85
CA GLY A 35 14.36 -22.00 8.78
C GLY A 35 13.09 -22.71 9.20
N ASN A 36 12.51 -22.31 10.34
CA ASN A 36 11.39 -23.07 10.91
C ASN A 36 10.02 -22.35 10.94
N ILE A 37 9.01 -23.20 10.94
CA ILE A 37 7.64 -22.81 10.67
C ILE A 37 7.03 -22.27 11.96
N ILE A 38 6.82 -20.96 12.00
CA ILE A 38 6.36 -20.31 13.22
C ILE A 38 4.88 -20.56 13.47
N ARG A 39 4.55 -20.82 14.74
CA ARG A 39 3.23 -21.24 15.13
C ARG A 39 2.45 -20.06 15.69
N ILE A 40 1.35 -19.69 15.02
CA ILE A 40 0.46 -18.58 15.42
C ILE A 40 -0.85 -19.16 15.94
N ILE A 41 -1.21 -18.79 17.17
CA ILE A 41 -2.47 -19.23 17.79
C ILE A 41 -3.22 -17.97 18.19
N SER A 42 -4.44 -17.80 17.69
CA SER A 42 -5.17 -16.56 17.94
C SER A 42 -6.65 -16.78 18.10
N HIS A 43 -7.31 -15.70 18.52
CA HIS A 43 -8.72 -15.69 18.84
C HIS A 43 -9.55 -15.44 17.58
N ASN A 44 -10.87 -15.60 17.68
CA ASN A 44 -11.76 -15.70 16.52
C ASN A 44 -12.71 -14.52 16.28
N ASP A 45 -12.28 -13.33 16.70
CA ASP A 45 -12.96 -12.07 16.36
C ASP A 45 -11.99 -11.14 15.59
N ALA A 46 -12.47 -9.96 15.19
CA ALA A 46 -11.65 -8.99 14.48
C ALA A 46 -10.25 -8.72 15.09
N ASP A 47 -10.13 -8.57 16.41
CA ASP A 47 -8.82 -8.36 17.07
C ASP A 47 -7.89 -9.55 16.93
N GLY A 48 -8.40 -10.73 17.26
CA GLY A 48 -7.68 -11.99 17.13
C GLY A 48 -7.29 -12.28 15.69
N LEU A 49 -8.24 -12.18 14.76
CA LEU A 49 -7.95 -12.44 13.36
C LEU A 49 -6.93 -11.45 12.79
N SER A 50 -7.18 -10.17 12.99
CA SER A 50 -6.26 -9.16 12.50
C SER A 50 -4.88 -9.27 13.16
N ALA A 51 -4.81 -9.61 14.44
CA ALA A 51 -3.51 -9.79 15.14
C ALA A 51 -2.64 -10.88 14.51
N ALA A 52 -3.21 -12.07 14.33
CA ALA A 52 -2.60 -13.13 13.51
C ALA A 52 -2.20 -12.64 12.13
N GLY A 53 -3.07 -11.86 11.48
CA GLY A 53 -2.76 -11.21 10.20
C GLY A 53 -1.49 -10.38 10.24
N VAL A 54 -1.37 -9.54 11.27
CA VAL A 54 -0.18 -8.74 11.55
C VAL A 54 1.06 -9.63 11.63
N VAL A 55 1.01 -10.69 12.45
CA VAL A 55 2.17 -11.61 12.57
C VAL A 55 2.45 -12.35 11.24
N ALA A 56 1.40 -12.89 10.62
CA ALA A 56 1.52 -13.62 9.36
C ALA A 56 2.27 -12.77 8.34
N ARG A 57 1.84 -11.52 8.21
CA ARG A 57 2.46 -10.60 7.25
C ARG A 57 3.89 -10.22 7.60
N ALA A 58 4.14 -9.96 8.89
CA ALA A 58 5.52 -9.79 9.35
C ALA A 58 6.37 -10.93 8.82
N ILE A 59 5.94 -12.16 9.10
CA ILE A 59 6.64 -13.40 8.71
C ILE A 59 6.79 -13.59 7.17
N SER A 60 5.75 -13.26 6.39
CA SER A 60 5.84 -13.29 4.92
C SER A 60 6.86 -12.31 4.35
N SER A 61 6.97 -11.14 4.96
CA SER A 61 7.85 -10.09 4.47
C SER A 61 9.33 -10.49 4.53
N MET A 62 9.66 -11.58 5.24
CA MET A 62 11.02 -12.12 5.29
C MET A 62 11.11 -13.54 4.76
N ASN A 63 10.24 -13.88 3.81
CA ASN A 63 10.19 -15.23 3.24
C ASN A 63 10.15 -16.35 4.29
N GLY A 64 9.52 -16.07 5.42
CA GLY A 64 9.29 -17.08 6.43
C GLY A 64 7.99 -17.77 6.12
N GLN A 65 7.74 -18.88 6.81
CA GLN A 65 6.47 -19.60 6.75
C GLN A 65 5.83 -19.62 8.12
N PHE A 66 4.51 -19.84 8.13
CA PHE A 66 3.70 -19.80 9.34
C PHE A 66 2.52 -20.77 9.26
N HIS A 67 1.94 -21.11 10.40
CA HIS A 67 0.75 -21.95 10.47
C HIS A 67 -0.17 -21.37 11.54
N ILE A 68 -1.35 -20.89 11.12
CA ILE A 68 -2.31 -20.26 12.02
C ILE A 68 -3.34 -21.27 12.55
N SER A 69 -3.70 -21.11 13.82
CA SER A 69 -4.82 -21.79 14.46
C SER A 69 -5.75 -20.75 15.11
N ILE A 70 -7.03 -20.75 14.74
CA ILE A 70 -8.00 -19.79 15.27
C ILE A 70 -9.01 -20.51 16.16
N LEU A 71 -9.01 -20.13 17.45
CA LEU A 71 -9.82 -20.78 18.50
C LEU A 71 -10.83 -19.79 19.05
N SER A 72 -11.98 -20.28 19.51
CA SER A 72 -12.94 -19.45 20.25
C SER A 72 -12.46 -19.23 21.69
N ARG A 73 -11.89 -20.26 22.28
CA ARG A 73 -11.38 -20.20 23.64
C ARG A 73 -10.06 -20.98 23.66
N LEU A 74 -9.14 -20.54 24.50
CA LEU A 74 -7.95 -21.30 24.81
C LEU A 74 -8.21 -22.11 26.08
N LYS A 75 -7.94 -23.42 26.00
CA LYS A 75 -8.06 -24.36 27.09
C LYS A 75 -6.70 -25.04 27.30
N LYS A 76 -6.45 -25.48 28.53
CA LYS A 76 -5.23 -26.21 28.91
C LYS A 76 -5.02 -27.48 28.08
N GLU A 77 -6.12 -28.11 27.66
CA GLU A 77 -6.06 -29.32 26.80
C GLU A 77 -5.33 -29.06 25.48
N PHE A 78 -5.69 -27.95 24.82
CA PHE A 78 -5.06 -27.54 23.55
C PHE A 78 -3.57 -27.29 23.73
N ILE A 79 -3.22 -26.68 24.86
CA ILE A 79 -1.85 -26.38 25.22
C ILE A 79 -1.09 -27.66 25.55
N LYS A 80 -1.76 -28.60 26.21
CA LYS A 80 -1.19 -29.93 26.40
C LYS A 80 -0.81 -30.58 25.06
N LYS A 81 -1.77 -30.60 24.13
CA LYS A 81 -1.57 -31.18 22.79
C LYS A 81 -0.48 -30.45 21.98
N LEU A 82 -0.36 -29.15 22.20
CA LEU A 82 0.66 -28.32 21.55
C LEU A 82 2.09 -28.79 21.89
N SER A 83 2.29 -29.23 23.13
CA SER A 83 3.58 -29.73 23.63
C SER A 83 4.09 -30.96 22.85
N GLY A 84 3.18 -31.69 22.23
CA GLY A 84 3.54 -32.76 21.29
C GLY A 84 4.06 -32.28 19.93
N GLU A 85 3.82 -31.02 19.57
CA GLU A 85 3.89 -30.60 18.17
C GLU A 85 5.25 -30.73 17.46
N LYS A 86 6.17 -29.78 17.67
CA LYS A 86 7.54 -29.75 17.05
C LYS A 86 7.97 -28.30 16.94
N TYR A 87 7.18 -27.51 16.15
CA TYR A 87 7.29 -26.04 15.92
C TYR A 87 8.01 -25.33 17.06
N SER A 88 9.15 -24.70 16.78
CA SER A 88 9.95 -24.11 17.86
C SER A 88 9.42 -22.81 18.47
N LEU A 89 8.70 -21.98 17.71
CA LEU A 89 8.17 -20.70 18.25
C LEU A 89 6.65 -20.61 18.16
N PHE A 90 6.03 -20.37 19.31
CA PHE A 90 4.59 -20.19 19.44
C PHE A 90 4.24 -18.73 19.68
N PHE A 91 3.25 -18.22 18.94
CA PHE A 91 2.82 -16.81 19.01
C PHE A 91 1.34 -16.74 19.35
N PHE A 92 1.01 -16.51 20.62
CA PHE A 92 -0.39 -16.43 21.06
C PHE A 92 -0.84 -15.00 20.96
N CYS A 93 -1.90 -14.72 20.19
CA CYS A 93 -2.50 -13.39 20.15
C CYS A 93 -3.87 -13.38 20.81
N ASP A 94 -4.13 -12.32 21.57
CA ASP A 94 -5.44 -12.04 22.18
C ASP A 94 -5.84 -13.10 23.19
N MET A 95 -4.86 -13.86 23.69
CA MET A 95 -5.04 -14.91 24.68
C MET A 95 -3.65 -15.40 25.10
N GLY A 96 -3.51 -15.86 26.33
CA GLY A 96 -2.23 -16.33 26.85
C GLY A 96 -2.00 -15.90 28.29
N SER A 97 -2.32 -14.65 28.58
CA SER A 97 -2.12 -14.08 29.92
C SER A 97 -2.85 -14.82 31.04
N ALA A 98 -3.96 -15.49 30.70
CA ALA A 98 -4.68 -16.32 31.67
C ALA A 98 -4.00 -17.66 31.96
N TYR A 99 -3.25 -18.22 31.01
CA TYR A 99 -2.67 -19.57 31.14
C TYR A 99 -1.14 -19.58 30.98
N LEU A 100 -0.45 -18.70 31.71
CA LEU A 100 0.99 -18.44 31.50
C LEU A 100 1.94 -19.53 31.98
N GLU A 101 1.70 -20.09 33.17
CA GLU A 101 2.54 -21.17 33.71
C GLU A 101 2.28 -22.48 32.94
N GLU A 102 1.04 -22.64 32.49
CA GLU A 102 0.62 -23.78 31.66
C GLU A 102 1.36 -23.71 30.33
N ILE A 103 1.33 -22.51 29.73
CA ILE A 103 2.13 -22.19 28.56
C ILE A 103 3.61 -22.49 28.83
N SER A 104 4.15 -22.00 29.95
CA SER A 104 5.57 -22.25 30.28
C SER A 104 5.98 -23.74 30.39
N ARG A 105 5.00 -24.65 30.53
CA ARG A 105 5.24 -26.09 30.32
C ARG A 105 5.63 -26.41 28.87
N LEU A 106 5.25 -25.56 27.91
CA LEU A 106 5.75 -25.62 26.54
C LEU A 106 7.22 -25.22 26.47
N LYS A 107 7.96 -25.93 25.63
CA LYS A 107 9.35 -25.59 25.35
C LYS A 107 9.53 -25.33 23.84
N GLY A 108 10.63 -24.64 23.56
CA GLY A 108 10.80 -23.87 22.34
C GLY A 108 10.90 -22.44 22.84
N ASP A 109 10.49 -21.49 22.01
CA ASP A 109 10.27 -20.14 22.47
C ASP A 109 8.79 -19.90 22.34
N VAL A 110 8.31 -18.92 23.09
CA VAL A 110 6.90 -18.58 23.13
C VAL A 110 6.74 -17.08 23.28
N ILE A 111 5.89 -16.49 22.45
CA ILE A 111 5.48 -15.08 22.61
C ILE A 111 3.99 -15.04 22.91
N VAL A 112 3.60 -14.24 23.91
CA VAL A 112 2.19 -13.98 24.22
C VAL A 112 1.93 -12.49 24.04
N ALA A 113 1.14 -12.17 23.01
CA ALA A 113 0.66 -10.83 22.72
C ALA A 113 -0.85 -10.72 23.02
N ASP A 114 -1.18 -10.46 24.28
CA ASP A 114 -2.54 -10.34 24.78
C ASP A 114 -2.76 -8.88 25.34
N HIS A 115 -3.97 -8.59 25.76
CA HIS A 115 -4.30 -7.35 26.44
C HIS A 115 -5.37 -7.51 27.53
N HIS A 116 -5.64 -8.73 27.99
CA HIS A 116 -6.64 -9.00 29.03
C HIS A 116 -5.97 -8.96 30.39
N GLN A 117 -6.74 -8.83 31.47
CA GLN A 117 -6.19 -8.79 32.83
C GLN A 117 -5.23 -9.96 33.00
N PRO A 118 -3.95 -9.66 33.33
CA PRO A 118 -3.03 -10.77 33.58
C PRO A 118 -3.46 -11.56 34.82
N SER A 119 -3.00 -12.80 34.91
CA SER A 119 -3.16 -13.64 36.10
C SER A 119 -1.87 -13.56 36.93
N GLU A 120 -2.00 -13.47 38.26
CA GLU A 120 -0.84 -13.31 39.14
C GLU A 120 0.00 -14.59 39.24
N SER A 121 0.85 -14.80 38.24
CA SER A 121 1.86 -15.89 38.23
C SER A 121 2.78 -15.71 37.00
N GLU A 122 3.38 -14.52 36.88
CA GLU A 122 4.12 -14.10 35.67
C GLU A 122 5.43 -14.86 35.45
N ALA A 123 5.29 -16.14 35.09
CA ALA A 123 6.41 -17.07 34.92
C ALA A 123 6.71 -17.23 33.44
N GLY A 124 7.94 -17.61 33.11
CA GLY A 124 8.37 -17.65 31.72
C GLY A 124 9.86 -17.52 31.47
N PRO A 125 10.61 -18.64 31.57
CA PRO A 125 12.06 -18.56 31.30
C PRO A 125 12.37 -18.34 29.82
N HIS A 126 11.55 -18.94 28.95
CA HIS A 126 11.67 -18.77 27.50
C HIS A 126 10.47 -18.05 26.90
N VAL A 127 9.71 -17.34 27.72
CA VAL A 127 8.44 -16.77 27.31
C VAL A 127 8.56 -15.24 27.30
N VAL A 128 8.17 -14.63 26.19
CA VAL A 128 8.13 -13.19 26.04
C VAL A 128 6.68 -12.76 26.18
N HIS A 129 6.33 -12.11 27.28
CA HIS A 129 4.96 -11.68 27.52
C HIS A 129 4.85 -10.18 27.35
N ILE A 130 4.06 -9.77 26.35
CA ILE A 130 3.78 -8.36 26.04
C ILE A 130 2.30 -8.14 26.31
N ASN A 131 1.98 -7.21 27.22
CA ASN A 131 0.60 -6.94 27.62
C ASN A 131 0.52 -5.56 28.23
N PRO A 132 -0.33 -4.65 27.69
CA PRO A 132 -0.37 -3.23 28.15
C PRO A 132 -0.59 -2.99 29.63
N HIS A 133 -1.35 -3.89 30.27
CA HIS A 133 -1.61 -3.87 31.71
C HIS A 133 -0.34 -3.92 32.56
N LEU A 134 0.72 -4.55 32.03
CA LEU A 134 2.00 -4.63 32.73
C LEU A 134 2.89 -3.39 32.54
N HIS A 135 2.52 -2.45 31.68
CA HIS A 135 3.29 -1.23 31.44
C HIS A 135 2.40 0.00 31.56
N GLY A 136 1.52 -0.04 32.57
CA GLY A 136 0.69 1.10 32.96
C GLY A 136 -0.21 1.72 31.93
N LEU A 137 -0.69 0.93 30.96
CA LEU A 137 -1.70 1.39 30.00
C LEU A 137 -2.97 0.55 30.13
N ASP A 138 -4.11 1.12 29.74
CA ASP A 138 -5.38 0.41 29.78
C ASP A 138 -5.55 -0.48 28.53
N GLY A 139 -5.52 -1.79 28.74
CA GLY A 139 -5.80 -2.76 27.68
C GLY A 139 -7.26 -2.86 27.25
N SER A 140 -8.17 -2.14 27.92
CA SER A 140 -9.56 -2.00 27.48
C SER A 140 -9.81 -0.77 26.59
N ARG A 141 -9.07 0.32 26.82
CA ARG A 141 -9.33 1.58 26.15
C ARG A 141 -8.33 1.93 25.07
N ASP A 142 -7.07 1.48 25.23
CA ASP A 142 -5.92 2.04 24.50
C ASP A 142 -5.08 1.07 23.65
N LEU A 143 -5.19 -0.24 23.84
CA LEU A 143 -4.37 -1.20 23.09
C LEU A 143 -5.01 -2.59 23.06
N SER A 144 -5.18 -3.13 21.85
CA SER A 144 -5.73 -4.47 21.62
C SER A 144 -4.62 -5.44 21.21
N ALA A 145 -4.99 -6.71 21.09
CA ALA A 145 -4.03 -7.75 20.71
C ALA A 145 -3.34 -7.41 19.40
N SER A 146 -4.09 -6.85 18.46
CA SER A 146 -3.54 -6.51 17.15
C SER A 146 -2.41 -5.47 17.24
N GLY A 147 -2.62 -4.41 18.03
CA GLY A 147 -1.57 -3.44 18.39
C GLY A 147 -0.42 -4.05 19.18
N THR A 148 -0.73 -4.89 20.16
CA THR A 148 0.33 -5.56 20.92
C THR A 148 1.18 -6.41 19.98
N ALA A 149 0.52 -7.15 19.09
CA ALA A 149 1.21 -7.93 18.07
C ALA A 149 2.01 -7.06 17.10
N TYR A 150 1.50 -5.86 16.81
CA TYR A 150 2.25 -4.89 16.04
C TYR A 150 3.54 -4.47 16.77
N LEU A 151 3.44 -4.16 18.06
CA LEU A 151 4.61 -3.84 18.87
C LEU A 151 5.66 -4.98 18.96
N ALA A 152 5.22 -6.22 18.80
CA ALA A 152 6.15 -7.35 18.70
C ALA A 152 6.80 -7.46 17.33
N THR A 153 6.21 -6.87 16.29
CA THR A 153 6.68 -7.00 14.90
C THR A 153 7.11 -5.68 14.24
N ARG A 154 7.11 -4.61 15.01
CA ARG A 154 7.35 -3.27 14.48
C ARG A 154 8.71 -3.10 13.79
N LEU A 155 9.75 -3.70 14.33
CA LEU A 155 11.11 -3.62 13.76
C LEU A 155 11.38 -4.62 12.61
N LEU A 156 10.38 -5.44 12.25
CA LEU A 156 10.41 -6.28 11.04
C LEU A 156 9.58 -5.68 9.91
N ASN A 157 8.42 -5.15 10.26
CA ASN A 157 7.45 -4.67 9.28
C ASN A 157 6.56 -3.61 9.94
N ARG A 158 6.54 -2.42 9.36
CA ARG A 158 5.61 -1.35 9.75
C ARG A 158 4.43 -1.19 8.77
N LYS A 159 4.45 -1.88 7.62
CA LYS A 159 3.33 -1.87 6.67
C LYS A 159 2.04 -2.50 7.21
N THR A 160 2.14 -3.22 8.33
CA THR A 160 0.99 -3.86 8.98
C THR A 160 0.19 -2.94 9.93
N ALA A 161 0.61 -1.69 10.08
CA ALA A 161 0.05 -0.77 11.09
C ALA A 161 -1.44 -0.57 10.95
N PRO A 162 -1.95 -0.48 9.71
CA PRO A 162 -3.39 -0.36 9.55
C PRO A 162 -4.19 -1.54 10.12
N LEU A 163 -3.63 -2.74 10.08
CA LEU A 163 -4.32 -3.94 10.62
C LEU A 163 -4.39 -3.94 12.15
N ALA A 164 -3.35 -3.43 12.80
CA ALA A 164 -3.38 -3.11 14.22
C ALA A 164 -4.58 -2.24 14.63
N LEU A 165 -4.99 -1.30 13.77
CA LEU A 165 -6.18 -0.46 14.03
C LEU A 165 -7.52 -1.09 13.69
N VAL A 166 -7.53 -2.12 12.85
CA VAL A 166 -8.75 -2.91 12.61
C VAL A 166 -9.16 -3.64 13.91
N GLY A 167 -8.21 -4.39 14.48
CA GLY A 167 -8.43 -5.08 15.73
C GLY A 167 -8.88 -4.16 16.83
N ALA A 168 -8.25 -2.97 16.92
CA ALA A 168 -8.62 -1.92 17.87
C ALA A 168 -10.08 -1.54 17.73
N LEU A 169 -10.47 -1.23 16.52
CA LEU A 169 -11.86 -0.91 16.21
C LEU A 169 -12.75 -2.12 16.50
N GLY A 170 -12.28 -3.32 16.17
CA GLY A 170 -12.98 -4.57 16.46
C GLY A 170 -13.43 -4.67 17.90
N ASP A 171 -12.51 -4.39 18.82
CA ASP A 171 -12.79 -4.38 20.25
C ASP A 171 -13.22 -2.99 20.79
N MET A 172 -13.74 -2.13 19.92
CA MET A 172 -14.32 -0.83 20.31
C MET A 172 -13.41 0.08 21.18
N GLN A 173 -12.09 0.08 20.92
CA GLN A 173 -11.14 0.96 21.58
C GLN A 173 -11.11 2.34 20.87
N TYR A 174 -12.29 2.88 20.61
CA TYR A 174 -12.46 4.07 19.83
C TYR A 174 -13.76 4.81 20.24
N THR A 175 -13.61 5.74 21.18
CA THR A 175 -14.69 6.67 21.53
C THR A 175 -14.03 8.00 21.85
N ASP A 176 -14.17 8.95 20.93
CA ASP A 176 -13.36 10.16 20.88
C ASP A 176 -11.91 9.78 20.55
N GLY A 177 -11.74 9.06 19.44
CA GLY A 177 -10.43 8.84 18.82
C GLY A 177 -9.53 7.84 19.50
N PHE A 178 -8.68 7.18 18.71
CA PHE A 178 -7.73 6.24 19.24
C PHE A 178 -6.92 6.94 20.31
N THR A 179 -6.90 6.36 21.51
CA THR A 179 -6.17 6.92 22.64
C THR A 179 -4.95 6.06 22.93
N GLY A 180 -3.98 6.65 23.62
CA GLY A 180 -2.80 5.90 24.07
C GLY A 180 -2.05 5.22 22.93
N ALA A 181 -1.43 4.08 23.26
CA ALA A 181 -0.72 3.22 22.30
C ALA A 181 -1.35 3.16 20.90
N ASN A 182 -2.67 3.14 20.80
CA ASN A 182 -3.30 3.05 19.49
C ASN A 182 -3.14 4.35 18.72
N ARG A 183 -3.13 5.47 19.44
CA ARG A 183 -2.81 6.77 18.83
C ARG A 183 -1.39 6.78 18.32
N PHE A 184 -0.45 6.30 19.12
CA PHE A 184 0.95 6.13 18.69
C PHE A 184 1.10 5.30 17.40
N ILE A 185 0.24 4.28 17.25
CA ILE A 185 0.15 3.47 16.02
C ILE A 185 -0.46 4.23 14.84
N MET A 186 -1.53 4.98 15.07
CA MET A 186 -2.16 5.75 13.98
C MET A 186 -1.20 6.80 13.38
N GLU A 187 -0.50 7.51 14.25
CA GLU A 187 0.48 8.51 13.84
C GLU A 187 1.76 7.89 13.29
N GLU A 188 2.10 6.68 13.76
CA GLU A 188 3.22 5.89 13.14
C GLU A 188 2.84 5.38 11.74
N ALA A 189 1.60 4.91 11.58
CA ALA A 189 1.07 4.58 10.25
C ALA A 189 0.98 5.79 9.33
N VAL A 190 0.60 6.94 9.89
CA VAL A 190 0.43 8.16 9.09
C VAL A 190 1.78 8.66 8.54
N GLU A 191 2.77 8.87 9.41
CA GLU A 191 4.13 9.17 8.98
C GLU A 191 4.60 8.19 7.85
N GLU A 192 4.35 6.88 8.04
CA GLU A 192 4.77 5.81 7.09
C GLU A 192 4.00 5.76 5.76
N GLY A 193 2.94 6.56 5.63
CA GLY A 193 2.21 6.72 4.36
C GLY A 193 1.22 5.62 4.00
N VAL A 194 1.04 4.64 4.88
CA VAL A 194 0.14 3.51 4.62
C VAL A 194 -1.31 3.70 5.14
N LEU A 195 -1.55 4.80 5.85
CA LEU A 195 -2.84 5.06 6.47
C LEU A 195 -3.17 6.54 6.30
N GLN A 196 -4.25 6.83 5.59
CA GLN A 196 -4.77 8.19 5.41
C GLN A 196 -5.96 8.45 6.32
N VAL A 197 -6.18 9.74 6.62
CA VAL A 197 -7.28 10.22 7.48
C VAL A 197 -8.05 11.34 6.78
N HIS A 198 -9.36 11.34 6.97
CA HIS A 198 -10.21 12.42 6.51
C HIS A 198 -11.52 12.30 7.24
N SER A 199 -12.15 13.45 7.52
CA SER A 199 -13.40 13.47 8.23
C SER A 199 -14.52 13.34 7.19
N ASP A 200 -15.44 12.40 7.42
CA ASP A 200 -16.56 12.19 6.50
C ASP A 200 -17.72 11.55 7.27
N LEU A 201 -18.84 11.32 6.59
CA LEU A 201 -19.87 10.48 7.15
C LEU A 201 -19.32 9.06 7.28
N LYS A 202 -19.67 8.39 8.39
CA LYS A 202 -19.15 7.06 8.71
C LYS A 202 -20.23 6.00 8.48
N LEU A 203 -20.74 5.96 7.27
CA LEU A 203 -21.74 4.99 6.88
C LEU A 203 -21.07 3.63 6.62
N ALA A 204 -21.83 2.57 6.85
CA ALA A 204 -21.34 1.23 6.66
C ALA A 204 -21.21 0.96 5.17
N SER A 205 -20.07 0.44 4.75
CA SER A 205 -19.91 -0.13 3.40
C SER A 205 -20.30 0.87 2.30
N ARG A 206 -19.65 2.03 2.29
CA ARG A 206 -20.00 3.09 1.34
C ARG A 206 -19.70 2.74 -0.12
N TYR A 207 -18.61 2.01 -0.40
CA TYR A 207 -18.30 1.60 -1.78
C TYR A 207 -19.14 0.43 -2.32
N THR A 208 -19.58 -0.50 -1.47
CA THR A 208 -20.21 -1.74 -1.95
C THR A 208 -21.74 -1.75 -2.00
N GLU A 209 -22.42 -0.86 -1.28
CA GLU A 209 -23.89 -0.87 -1.20
C GLU A 209 -24.51 0.46 -1.62
N PRO A 210 -25.76 0.43 -2.12
CA PRO A 210 -26.46 1.66 -2.38
C PRO A 210 -26.86 2.38 -1.09
N LEU A 211 -27.04 3.70 -1.17
CA LEU A 211 -27.23 4.56 0.00
C LEU A 211 -28.28 4.09 1.01
N TYR A 212 -29.36 3.46 0.55
CA TYR A 212 -30.42 3.04 1.47
C TYR A 212 -30.03 1.86 2.37
N ARG A 213 -29.22 0.93 1.85
CA ARG A 213 -28.75 -0.21 2.65
C ARG A 213 -27.57 0.19 3.56
N SER A 214 -26.65 0.97 3.00
CA SER A 214 -25.55 1.57 3.76
C SER A 214 -26.02 2.30 5.04
N ILE A 215 -27.04 3.13 4.91
CA ILE A 215 -27.61 3.77 6.08
C ILE A 215 -28.21 2.71 6.99
N ALA A 216 -29.07 1.86 6.46
CA ALA A 216 -29.75 0.84 7.25
C ALA A 216 -28.79 -0.11 7.97
N TYR A 217 -27.58 -0.27 7.45
CA TYR A 217 -26.55 -1.16 8.04
C TYR A 217 -25.50 -0.42 8.87
N THR A 218 -25.63 0.89 9.03
CA THR A 218 -24.75 1.62 9.94
C THR A 218 -25.28 1.39 11.33
N PHE A 219 -24.60 0.51 12.06
CA PHE A 219 -24.97 0.18 13.43
C PHE A 219 -24.14 0.94 14.45
N ASN A 220 -22.92 1.34 14.07
CA ASN A 220 -22.06 2.21 14.88
C ASN A 220 -21.34 3.18 13.92
N PRO A 221 -21.58 4.49 14.01
CA PRO A 221 -22.46 5.15 14.98
C PRO A 221 -23.89 4.97 14.61
N ALA A 222 -24.76 4.78 15.59
CA ALA A 222 -26.16 4.50 15.34
C ALA A 222 -26.88 5.72 14.76
N LEU A 223 -27.87 5.47 13.93
CA LEU A 223 -28.78 6.47 13.40
C LEU A 223 -30.24 6.13 13.76
N PRO A 224 -30.70 6.53 14.98
CA PRO A 224 -32.09 6.38 15.41
C PRO A 224 -33.11 6.77 14.35
N GLY A 225 -34.12 5.93 14.17
CA GLY A 225 -35.06 6.07 13.05
C GLY A 225 -34.67 5.22 11.84
N LEU A 226 -33.39 5.25 11.45
CA LEU A 226 -32.92 4.76 10.15
C LEU A 226 -32.20 3.41 10.22
N THR A 227 -31.25 3.28 11.15
CA THR A 227 -30.47 2.06 11.35
C THR A 227 -31.36 0.83 11.54
N GLY A 228 -31.02 -0.23 10.80
CA GLY A 228 -31.73 -1.49 10.88
C GLY A 228 -33.15 -1.48 10.35
N ASP A 229 -33.45 -0.53 9.45
CA ASP A 229 -34.79 -0.37 8.91
C ASP A 229 -34.69 0.11 7.45
N MET A 230 -35.05 -0.78 6.53
CA MET A 230 -34.87 -0.57 5.10
C MET A 230 -35.88 0.42 4.51
N GLU A 231 -37.18 0.17 4.77
CA GLU A 231 -38.25 1.03 4.26
C GLU A 231 -38.13 2.45 4.82
N ALA A 232 -37.85 2.55 6.11
CA ALA A 232 -37.63 3.84 6.80
C ALA A 232 -36.45 4.62 6.23
N SER A 233 -35.34 3.96 5.94
CA SER A 233 -34.21 4.61 5.27
C SER A 233 -34.57 5.11 3.90
N MET A 234 -35.38 4.31 3.22
CA MET A 234 -35.79 4.56 1.85
C MET A 234 -36.69 5.79 1.81
N GLY A 235 -37.78 5.73 2.58
CA GLY A 235 -38.73 6.84 2.76
C GLY A 235 -38.09 8.15 3.21
N PHE A 236 -37.12 8.04 4.12
CA PHE A 236 -36.30 9.17 4.59
C PHE A 236 -35.66 9.84 3.39
N LEU A 237 -34.86 9.08 2.65
CA LEU A 237 -34.10 9.64 1.51
C LEU A 237 -35.00 10.13 0.37
N GLU A 238 -36.09 9.40 0.15
CA GLU A 238 -37.15 9.79 -0.79
C GLU A 238 -37.63 11.19 -0.50
N ASN A 239 -38.10 11.39 0.73
CA ASN A 239 -38.68 12.65 1.21
C ASN A 239 -37.68 13.84 1.19
N ILE A 240 -36.44 13.62 1.60
CA ILE A 240 -35.39 14.66 1.55
C ILE A 240 -34.66 14.77 0.20
N GLY A 241 -35.02 13.91 -0.77
CA GLY A 241 -34.58 14.06 -2.15
C GLY A 241 -33.10 13.76 -2.41
N VAL A 242 -32.68 12.53 -2.07
CA VAL A 242 -31.36 11.97 -2.45
C VAL A 242 -31.59 10.59 -3.09
N SER A 243 -30.80 10.26 -4.12
CA SER A 243 -30.96 9.00 -4.89
C SER A 243 -30.80 7.79 -3.98
N TYR A 244 -31.90 7.13 -3.61
CA TYR A 244 -31.85 6.06 -2.63
C TYR A 244 -31.19 4.78 -3.13
N GLY A 245 -31.22 4.57 -4.45
CA GLY A 245 -30.65 3.38 -5.06
C GLY A 245 -29.29 3.52 -5.72
N VAL A 246 -28.52 4.56 -5.36
CA VAL A 246 -27.16 4.75 -5.86
C VAL A 246 -26.20 4.71 -4.69
N LYS A 247 -24.96 4.31 -4.95
CA LYS A 247 -23.93 4.19 -3.91
C LYS A 247 -23.34 5.55 -3.62
N TYR A 248 -22.72 5.67 -2.44
CA TYR A 248 -22.44 6.98 -1.81
C TYR A 248 -21.63 7.95 -2.66
N PRO A 249 -20.53 7.50 -3.28
CA PRO A 249 -19.78 8.44 -4.15
C PRO A 249 -20.41 8.75 -5.52
N ASP A 250 -21.46 8.01 -5.91
CA ASP A 250 -22.14 8.22 -7.22
C ASP A 250 -23.29 9.23 -7.21
N LEU A 251 -23.61 9.82 -6.04
CA LEU A 251 -24.65 10.86 -5.92
C LEU A 251 -24.23 12.20 -6.56
N SER A 252 -25.01 13.26 -6.37
CA SER A 252 -24.57 14.62 -6.72
C SER A 252 -24.09 15.34 -5.43
N PRO A 253 -22.96 16.06 -5.47
CA PRO A 253 -22.49 16.84 -4.32
C PRO A 253 -23.54 17.73 -3.62
N GLU A 254 -24.45 18.32 -4.39
CA GLU A 254 -25.60 19.06 -3.83
C GLU A 254 -26.60 18.12 -3.11
N GLU A 255 -26.75 16.91 -3.62
CA GLU A 255 -27.46 15.83 -2.93
C GLU A 255 -26.66 15.27 -1.72
N ARG A 256 -25.33 15.37 -1.75
CA ARG A 256 -24.46 14.86 -0.68
C ARG A 256 -24.56 15.66 0.61
N ASP A 257 -24.51 16.99 0.52
CA ASP A 257 -24.56 17.81 1.74
C ASP A 257 -25.94 18.07 2.34
N VAL A 258 -26.99 17.69 1.62
CA VAL A 258 -28.29 17.45 2.26
C VAL A 258 -28.10 16.35 3.32
N LEU A 259 -27.37 15.29 2.93
CA LEU A 259 -27.09 14.15 3.80
C LEU A 259 -26.23 14.53 5.02
N ARG A 260 -25.13 15.24 4.83
CA ARG A 260 -24.25 15.58 5.96
C ARG A 260 -25.02 16.33 7.05
N ASP A 261 -25.78 17.35 6.64
CA ASP A 261 -26.52 18.16 7.62
C ASP A 261 -27.71 17.43 8.21
N GLU A 262 -28.30 16.50 7.46
CA GLU A 262 -29.48 15.75 7.94
C GLU A 262 -29.13 14.63 8.93
N LEU A 263 -28.09 13.87 8.63
CA LEU A 263 -27.69 12.75 9.49
C LEU A 263 -27.03 13.22 10.79
N THR A 264 -26.42 14.40 10.74
CA THR A 264 -25.79 15.00 11.91
C THR A 264 -26.83 15.47 12.96
N ARG A 265 -28.04 15.83 12.51
CA ARG A 265 -29.17 16.09 13.42
C ARG A 265 -29.65 14.86 14.19
N ILE A 266 -29.58 13.70 13.55
CA ILE A 266 -30.07 12.43 14.10
C ILE A 266 -29.04 11.86 15.07
N ASN A 267 -27.77 11.94 14.68
CA ASN A 267 -26.65 11.61 15.56
C ASN A 267 -25.40 12.34 15.07
N PRO A 268 -24.91 13.34 15.85
CA PRO A 268 -23.78 14.13 15.37
C PRO A 268 -22.43 13.39 15.33
N GLU A 269 -22.33 12.29 16.05
CA GLU A 269 -21.15 11.44 15.99
C GLU A 269 -20.98 10.72 14.63
N ILE A 270 -22.00 10.72 13.77
CA ILE A 270 -21.88 10.19 12.40
C ILE A 270 -20.76 10.86 11.58
N PHE A 271 -20.56 12.16 11.78
CA PHE A 271 -19.46 12.86 11.12
C PHE A 271 -18.24 12.80 11.99
N GLY A 272 -17.13 12.35 11.42
CA GLY A 272 -15.88 12.26 12.19
C GLY A 272 -14.78 11.57 11.43
N GLU A 273 -13.74 11.19 12.18
CA GLU A 273 -12.56 10.48 11.64
C GLU A 273 -12.91 9.17 10.90
N VAL A 274 -12.51 9.11 9.63
CA VAL A 274 -12.53 7.90 8.79
C VAL A 274 -11.09 7.49 8.53
N PHE A 275 -10.85 6.18 8.45
CA PHE A 275 -9.51 5.65 8.23
C PHE A 275 -9.49 4.78 6.97
N THR A 276 -8.72 5.21 5.98
CA THR A 276 -8.53 4.43 4.78
C THR A 276 -7.04 4.11 4.58
N SER A 277 -6.75 2.90 4.11
CA SER A 277 -5.39 2.49 3.73
C SER A 277 -5.53 1.96 2.31
N ARG A 278 -4.53 2.21 1.45
CA ARG A 278 -4.63 1.84 0.01
C ARG A 278 -4.86 0.36 -0.25
N GLU A 279 -4.30 -0.50 0.60
CA GLU A 279 -4.43 -1.94 0.46
C GLU A 279 -5.86 -2.43 0.66
N PHE A 280 -6.67 -1.69 1.43
CA PHE A 280 -8.10 -1.99 1.63
C PHE A 280 -9.06 -1.13 0.79
N ARG A 281 -8.54 -0.39 -0.21
CA ARG A 281 -9.39 0.34 -1.17
C ARG A 281 -10.39 -0.60 -1.82
N ASN A 282 -11.58 -0.09 -2.12
CA ASN A 282 -12.64 -0.89 -2.76
C ASN A 282 -13.15 -2.10 -1.95
N ILE A 283 -12.61 -2.34 -0.75
CA ILE A 283 -13.34 -3.05 0.29
C ILE A 283 -14.01 -1.97 1.10
N GLY A 284 -13.22 -1.12 1.74
CA GLY A 284 -13.76 -0.10 2.63
C GLY A 284 -12.74 0.58 3.50
N ASP A 285 -13.24 1.45 4.39
CA ASP A 285 -12.42 2.03 5.46
C ASP A 285 -12.00 0.95 6.45
N LEU A 286 -11.15 1.32 7.40
CA LEU A 286 -10.66 0.34 8.39
C LEU A 286 -11.69 -0.26 9.29
N SER A 287 -12.80 0.45 9.52
CA SER A 287 -13.84 -0.05 10.40
C SER A 287 -14.83 -0.87 9.60
N ASP A 288 -14.80 -0.76 8.27
CA ASP A 288 -15.48 -1.73 7.41
C ASP A 288 -14.76 -3.10 7.43
N ILE A 289 -13.44 -3.09 7.53
CA ILE A 289 -12.66 -4.31 7.63
C ILE A 289 -12.90 -5.01 8.96
N ALA A 290 -13.07 -4.24 10.02
CA ALA A 290 -13.46 -4.82 11.31
C ALA A 290 -14.78 -5.57 11.16
N GLY A 291 -15.72 -4.97 10.44
CA GLY A 291 -17.00 -5.60 10.17
C GLY A 291 -16.92 -6.88 9.36
N VAL A 292 -16.12 -6.87 8.29
CA VAL A 292 -16.00 -8.05 7.45
C VAL A 292 -15.42 -9.20 8.26
N LEU A 293 -14.36 -8.91 9.03
CA LEU A 293 -13.67 -9.93 9.83
C LEU A 293 -14.48 -10.52 11.00
N ASP A 294 -15.32 -9.72 11.64
CA ASP A 294 -16.21 -10.21 12.71
C ASP A 294 -17.23 -11.18 12.15
N ALA A 295 -17.85 -10.77 11.04
CA ALA A 295 -18.80 -11.61 10.29
C ALA A 295 -18.20 -12.93 9.82
N CYS A 296 -16.92 -12.89 9.46
CA CYS A 296 -16.17 -14.13 9.13
C CYS A 296 -15.96 -15.05 10.33
N GLY A 297 -15.65 -14.44 11.47
CA GLY A 297 -15.45 -15.18 12.72
C GLY A 297 -16.72 -15.74 13.32
N LYS A 298 -17.82 -15.00 13.23
CA LYS A 298 -19.11 -15.54 13.66
C LYS A 298 -19.47 -16.81 12.86
N ASN A 299 -19.28 -16.76 11.54
CA ASN A 299 -19.52 -17.92 10.66
C ASN A 299 -18.48 -19.03 10.72
N ARG A 300 -17.55 -18.98 11.68
CA ARG A 300 -16.47 -19.98 11.82
C ARG A 300 -15.70 -20.20 10.50
N LYS A 301 -15.54 -19.13 9.73
CA LYS A 301 -14.96 -19.18 8.38
C LYS A 301 -13.63 -18.41 8.49
N TYR A 302 -12.64 -19.06 9.07
CA TYR A 302 -11.37 -18.41 9.45
C TYR A 302 -10.27 -18.22 8.39
N GLY A 303 -10.20 -19.08 7.40
CA GLY A 303 -9.27 -18.90 6.24
C GLY A 303 -9.62 -17.76 5.28
N ILE A 304 -10.89 -17.35 5.30
CA ILE A 304 -11.41 -16.29 4.46
C ILE A 304 -11.00 -14.97 5.07
N GLY A 305 -11.20 -14.83 6.37
CA GLY A 305 -10.85 -13.60 7.10
C GLY A 305 -9.36 -13.33 7.11
N ILE A 306 -8.58 -14.36 7.42
CA ILE A 306 -7.11 -14.27 7.35
C ILE A 306 -6.57 -14.04 5.93
N GLY A 307 -7.22 -14.62 4.92
CA GLY A 307 -6.87 -14.33 3.54
C GLY A 307 -7.08 -12.86 3.17
N LEU A 308 -8.05 -12.22 3.82
CA LEU A 308 -8.27 -10.79 3.67
C LEU A 308 -7.12 -9.96 4.25
N CYS A 309 -6.69 -10.32 5.44
CA CYS A 309 -5.55 -9.67 6.07
C CYS A 309 -4.27 -9.84 5.23
N LEU A 310 -4.06 -11.05 4.71
CA LEU A 310 -2.94 -11.38 3.83
C LEU A 310 -2.96 -10.80 2.41
N GLY A 311 -4.11 -10.27 1.94
CA GLY A 311 -4.20 -9.60 0.65
C GLY A 311 -4.90 -10.36 -0.46
N GLU A 312 -5.48 -11.51 -0.15
CA GLU A 312 -6.30 -12.27 -1.12
C GLU A 312 -7.59 -11.49 -1.40
N ARG A 313 -7.97 -11.40 -2.66
CA ARG A 313 -9.04 -10.48 -3.07
C ARG A 313 -9.84 -10.89 -4.34
N GLU A 314 -9.92 -12.20 -4.62
CA GLU A 314 -10.67 -12.64 -5.80
C GLU A 314 -12.05 -13.03 -5.31
N GLY A 315 -12.31 -14.34 -5.22
CA GLY A 315 -13.60 -14.84 -4.75
C GLY A 315 -13.65 -14.95 -3.23
N ALA A 316 -12.51 -14.78 -2.56
CA ALA A 316 -12.49 -14.78 -1.12
C ALA A 316 -13.15 -13.52 -0.56
N LEU A 317 -12.96 -12.39 -1.23
CA LEU A 317 -13.65 -11.15 -0.89
C LEU A 317 -15.15 -11.28 -1.17
N ASP A 318 -15.49 -11.87 -2.31
CA ASP A 318 -16.89 -12.05 -2.67
C ASP A 318 -17.59 -12.85 -1.59
N VAL A 319 -16.93 -13.91 -1.12
CA VAL A 319 -17.49 -14.79 -0.05
C VAL A 319 -17.58 -14.06 1.30
N ALA A 320 -16.60 -13.22 1.60
CA ALA A 320 -16.57 -12.46 2.84
C ALA A 320 -17.72 -11.47 2.88
N LEU A 321 -17.96 -10.79 1.76
CA LEU A 321 -19.04 -9.80 1.66
C LEU A 321 -20.43 -10.39 1.67
N GLU A 322 -20.56 -11.61 1.16
CA GLU A 322 -21.84 -12.32 1.21
C GLU A 322 -22.14 -12.72 2.66
N LEU A 323 -21.10 -13.04 3.44
CA LEU A 323 -21.24 -13.39 4.86
C LEU A 323 -21.70 -12.24 5.74
N GLN A 324 -21.18 -11.07 5.42
CA GLN A 324 -21.58 -9.84 6.07
C GLN A 324 -23.02 -9.39 5.71
N LYS A 325 -23.41 -9.52 4.44
CA LYS A 325 -24.81 -9.30 4.08
C LYS A 325 -25.76 -10.17 4.96
N ASN A 326 -25.52 -11.49 5.01
CA ASN A 326 -26.32 -12.44 5.84
C ASN A 326 -26.28 -12.22 7.36
N TYR A 327 -25.12 -11.85 7.89
CA TYR A 327 -25.05 -11.45 9.29
C TYR A 327 -25.85 -10.16 9.55
N ARG A 328 -25.77 -9.21 8.63
CA ARG A 328 -26.51 -7.98 8.76
C ARG A 328 -28.03 -8.12 8.59
N GLU A 329 -28.51 -9.03 7.74
CA GLU A 329 -29.94 -9.28 7.65
C GLU A 329 -30.48 -9.86 8.98
N GLU A 330 -29.66 -10.72 9.60
CA GLU A 330 -29.94 -11.28 10.93
C GLU A 330 -30.03 -10.21 12.00
N LEU A 331 -29.13 -9.24 11.97
CA LEU A 331 -29.13 -8.20 12.99
C LEU A 331 -30.34 -7.31 12.85
N VAL A 332 -30.76 -7.10 11.59
CA VAL A 332 -31.93 -6.31 11.26
C VAL A 332 -33.21 -7.00 11.74
N LYS A 333 -33.22 -8.32 11.75
CA LYS A 333 -34.45 -9.09 11.95
C LYS A 333 -35.16 -9.17 13.34
N GLY A 334 -34.54 -9.17 14.51
CA GLY A 334 -33.22 -8.65 14.88
C GLY A 334 -33.56 -7.45 15.81
N LEU A 335 -33.22 -6.27 15.32
CA LEU A 335 -33.71 -5.03 15.89
C LEU A 335 -35.17 -4.84 15.61
N ALA A 336 -35.67 -5.42 14.52
CA ALA A 336 -37.10 -5.37 14.19
C ALA A 336 -37.91 -6.06 15.28
N TRP A 337 -37.42 -7.21 15.73
CA TRP A 337 -38.05 -7.93 16.81
C TRP A 337 -38.08 -7.12 18.10
N ILE A 338 -37.03 -6.35 18.38
CA ILE A 338 -36.98 -5.49 19.57
C ILE A 338 -37.88 -4.25 19.42
N ARG A 339 -37.96 -3.65 18.23
CA ARG A 339 -38.79 -2.43 18.05
C ARG A 339 -40.28 -2.74 18.25
N ARG A 340 -40.67 -3.95 17.91
CA ARG A 340 -41.99 -4.46 18.10
C ARG A 340 -41.73 -5.23 19.36
N GLU A 341 -42.70 -5.63 20.18
CA GLU A 341 -42.37 -6.61 21.25
C GLU A 341 -41.16 -6.26 22.16
N GLY A 342 -41.16 -5.03 22.70
CA GLY A 342 -40.05 -4.31 23.45
C GLY A 342 -39.45 -4.99 24.67
N SER A 343 -38.96 -4.19 25.62
CA SER A 343 -38.40 -4.73 26.89
C SER A 343 -39.35 -4.55 28.07
N THR A 344 -39.23 -5.41 29.07
CA THR A 344 -39.98 -5.22 30.30
C THR A 344 -38.99 -4.62 31.29
N THR A 345 -39.43 -3.65 32.08
CA THR A 345 -38.57 -2.94 33.04
C THR A 345 -38.96 -3.37 34.44
N LEU A 346 -37.99 -3.78 35.26
CA LEU A 346 -38.19 -4.01 36.70
C LEU A 346 -38.01 -2.67 37.44
N GLU A 347 -37.10 -2.56 38.40
CA GLU A 347 -36.84 -1.29 39.11
C GLU A 347 -35.49 -0.65 38.71
N ASN A 348 -34.47 -1.50 38.57
CA ASN A 348 -33.11 -1.07 38.27
C ASN A 348 -32.54 -1.67 36.98
N LEU A 349 -33.41 -2.34 36.21
CA LEU A 349 -33.03 -3.00 34.96
C LEU A 349 -34.25 -3.30 34.08
N GLN A 350 -33.96 -3.70 32.85
CA GLN A 350 -34.95 -4.10 31.86
C GLN A 350 -34.40 -5.32 31.16
N TYR A 351 -35.29 -6.15 30.64
CA TYR A 351 -34.88 -7.38 29.96
C TYR A 351 -35.75 -7.71 28.77
N ILE A 352 -35.22 -8.57 27.91
CA ILE A 352 -35.89 -9.00 26.69
C ILE A 352 -35.56 -10.49 26.57
N TYR A 353 -36.54 -11.29 26.10
CA TYR A 353 -36.44 -12.75 26.15
C TYR A 353 -36.78 -13.38 24.82
N SER A 354 -35.96 -14.32 24.39
CA SER A 354 -36.20 -15.03 23.14
C SER A 354 -35.96 -16.53 23.26
N GLU A 355 -36.89 -17.31 22.70
CA GLU A 355 -36.64 -18.73 22.42
C GLU A 355 -36.37 -18.98 20.93
N ASP A 356 -36.38 -17.91 20.13
CA ASP A 356 -36.23 -17.98 18.69
C ASP A 356 -34.78 -18.32 18.30
N LYS A 357 -34.60 -19.39 17.53
CA LYS A 357 -33.26 -19.80 17.11
C LYS A 357 -32.43 -18.68 16.45
N ALA A 358 -33.07 -17.86 15.63
CA ALA A 358 -32.35 -16.81 14.90
C ALA A 358 -31.59 -15.84 15.83
N PHE A 359 -32.19 -15.51 16.98
CA PHE A 359 -31.61 -14.50 17.90
C PHE A 359 -30.69 -15.05 18.99
N LYS A 360 -30.28 -16.30 18.89
CA LYS A 360 -29.56 -17.00 19.95
C LYS A 360 -28.07 -16.58 20.00
N GLY A 361 -27.41 -16.49 18.84
CA GLY A 361 -25.99 -16.07 18.73
C GLY A 361 -25.72 -14.59 18.44
N ILE A 362 -26.76 -13.76 18.48
CA ILE A 362 -26.65 -12.31 18.28
C ILE A 362 -27.28 -11.48 19.42
N MET A 363 -27.88 -12.14 20.41
CA MET A 363 -28.61 -11.44 21.45
C MET A 363 -27.79 -10.29 22.05
N GLY A 364 -26.49 -10.48 22.22
CA GLY A 364 -25.62 -9.46 22.83
C GLY A 364 -25.49 -8.22 21.97
N THR A 365 -25.25 -8.45 20.69
CA THR A 365 -25.05 -7.36 19.73
C THR A 365 -26.31 -6.51 19.56
N ILE A 366 -27.46 -7.15 19.34
CA ILE A 366 -28.70 -6.41 19.18
C ILE A 366 -29.09 -5.68 20.45
N ALA A 367 -28.89 -6.33 21.61
CA ALA A 367 -29.04 -5.64 22.92
C ALA A 367 -28.27 -4.33 22.97
N SER A 368 -26.97 -4.38 22.66
CA SER A 368 -26.10 -3.20 22.58
C SER A 368 -26.51 -2.13 21.55
N ILE A 369 -26.89 -2.57 20.36
CA ILE A 369 -27.33 -1.65 19.31
C ILE A 369 -28.66 -0.98 19.69
N SER A 370 -29.59 -1.72 20.29
CA SER A 370 -30.84 -1.11 20.71
C SER A 370 -30.70 0.00 21.81
N LEU A 371 -29.64 -0.01 22.59
CA LEU A 371 -29.38 1.08 23.56
C LEU A 371 -28.81 2.31 22.82
N SER A 372 -27.80 2.10 21.98
CA SER A 372 -27.26 3.16 21.11
C SER A 372 -28.30 3.84 20.24
N LEU A 373 -29.33 3.10 19.83
CA LEU A 373 -30.46 3.60 19.03
C LEU A 373 -31.57 4.27 19.84
N LYS A 374 -31.55 4.13 21.17
CA LYS A 374 -32.64 4.61 22.02
C LYS A 374 -34.02 3.99 21.66
N ILE A 375 -34.01 2.76 21.16
CA ILE A 375 -35.21 1.93 21.05
C ILE A 375 -35.56 1.52 22.47
N LEU A 376 -34.55 1.02 23.18
CA LEU A 376 -34.60 0.77 24.62
C LEU A 376 -33.81 1.85 25.37
N ASP A 377 -34.24 2.16 26.58
CA ASP A 377 -33.70 3.29 27.34
C ASP A 377 -32.23 3.02 27.74
N PRO A 378 -31.28 3.84 27.23
CA PRO A 378 -29.85 3.56 27.51
C PRO A 378 -29.38 3.73 28.96
N ASP A 379 -30.18 4.41 29.80
CA ASP A 379 -29.82 4.64 31.19
C ASP A 379 -30.07 3.39 32.03
N ILE A 380 -31.18 2.70 31.76
CA ILE A 380 -31.54 1.47 32.47
C ILE A 380 -30.75 0.27 31.87
N PRO A 381 -29.95 -0.44 32.71
CA PRO A 381 -29.22 -1.64 32.25
C PRO A 381 -30.09 -2.76 31.64
N LEU A 382 -29.62 -3.34 30.53
CA LEU A 382 -30.41 -4.27 29.67
C LEU A 382 -29.88 -5.67 29.66
N LEU A 383 -30.70 -6.63 30.08
CA LEU A 383 -30.34 -8.05 30.02
C LEU A 383 -31.06 -8.74 28.87
N GLY A 384 -30.29 -9.28 27.91
CA GLY A 384 -30.85 -10.10 26.83
C GLY A 384 -30.79 -11.58 27.16
N LEU A 385 -31.90 -12.30 26.95
CA LEU A 385 -32.02 -13.69 27.41
C LEU A 385 -32.44 -14.66 26.30
N SER A 386 -31.59 -15.66 26.05
CA SER A 386 -31.89 -16.74 25.09
C SER A 386 -32.06 -18.09 25.79
N ARG A 387 -33.22 -18.73 25.64
CA ARG A 387 -33.39 -20.09 26.18
C ARG A 387 -32.47 -21.02 25.42
N MET A 388 -31.80 -21.92 26.14
CA MET A 388 -30.88 -22.89 25.57
C MET A 388 -31.23 -24.21 26.21
N ASP A 389 -32.29 -24.82 25.68
CA ASP A 389 -32.83 -26.08 26.18
C ASP A 389 -33.35 -25.82 27.61
N GLN A 390 -32.73 -26.39 28.65
CA GLN A 390 -33.18 -26.22 30.06
C GLN A 390 -32.49 -25.06 30.79
N HIS A 391 -31.53 -24.42 30.14
CA HIS A 391 -30.85 -23.25 30.67
C HIS A 391 -31.28 -22.00 29.94
N VAL A 392 -30.73 -20.86 30.31
CA VAL A 392 -30.93 -19.62 29.58
C VAL A 392 -29.64 -18.82 29.58
N LYS A 393 -29.17 -18.45 28.39
CA LYS A 393 -27.96 -17.64 28.25
C LYS A 393 -28.32 -16.19 28.40
N VAL A 394 -27.58 -15.48 29.25
CA VAL A 394 -27.80 -14.07 29.53
C VAL A 394 -26.65 -13.21 28.97
N SER A 395 -26.97 -12.17 28.20
CA SER A 395 -26.02 -11.15 27.79
C SER A 395 -26.48 -9.81 28.38
N ALA A 396 -25.83 -9.34 29.44
CA ALA A 396 -26.12 -8.00 29.99
C ALA A 396 -25.29 -6.92 29.27
N ARG A 397 -25.92 -5.80 28.96
CA ARG A 397 -25.27 -4.68 28.27
C ARG A 397 -25.82 -3.36 28.79
N THR A 398 -24.95 -2.37 28.91
CA THR A 398 -25.37 -1.04 29.36
C THR A 398 -24.52 0.04 28.67
N THR A 399 -24.66 1.27 29.16
CA THR A 399 -23.98 2.44 28.62
C THR A 399 -23.07 3.01 29.70
N ARG A 400 -21.96 3.64 29.27
CA ARG A 400 -20.95 4.20 30.20
C ARG A 400 -21.54 5.10 31.31
N PRO A 401 -22.53 5.96 30.98
CA PRO A 401 -23.23 6.75 32.00
C PRO A 401 -23.92 5.95 33.13
N ALA A 402 -24.38 4.74 32.83
CA ALA A 402 -24.94 3.85 33.85
C ALA A 402 -23.82 3.24 34.71
N VAL A 403 -22.64 3.08 34.14
CA VAL A 403 -21.45 2.64 34.88
C VAL A 403 -20.97 3.69 35.89
N GLU A 404 -20.94 4.95 35.46
CA GLU A 404 -20.55 6.07 36.30
C GLU A 404 -21.41 6.27 37.55
N ARG A 405 -22.68 5.89 37.47
CA ARG A 405 -23.58 5.97 38.62
C ARG A 405 -23.39 4.77 39.59
N GLY A 406 -22.54 3.80 39.20
CA GLY A 406 -22.15 2.68 40.07
C GLY A 406 -22.40 1.25 39.57
N VAL A 407 -22.92 1.07 38.35
CA VAL A 407 -23.24 -0.26 37.82
C VAL A 407 -21.95 -1.03 37.50
N ASN A 408 -21.93 -2.31 37.87
CA ASN A 408 -20.94 -3.27 37.38
C ASN A 408 -21.70 -4.55 37.10
N LEU A 409 -21.94 -4.84 35.83
CA LEU A 409 -22.71 -6.02 35.44
C LEU A 409 -21.98 -7.32 35.72
N GLY A 410 -20.66 -7.33 35.52
CA GLY A 410 -19.84 -8.50 35.81
C GLY A 410 -19.99 -9.03 37.23
N VAL A 411 -19.99 -8.12 38.20
CA VAL A 411 -20.02 -8.52 39.60
C VAL A 411 -21.44 -8.99 39.94
N ALA A 412 -22.43 -8.20 39.54
CA ALA A 412 -23.83 -8.54 39.74
C ALA A 412 -24.24 -9.87 39.11
N LEU A 413 -23.78 -10.16 37.88
CA LEU A 413 -24.11 -11.42 37.17
C LEU A 413 -23.39 -12.64 37.74
N ARG A 414 -22.09 -12.53 37.99
CA ARG A 414 -21.31 -13.62 38.59
C ARG A 414 -21.92 -14.06 39.93
N ASP A 415 -22.16 -13.09 40.81
CA ASP A 415 -22.75 -13.35 42.12
C ASP A 415 -24.16 -13.93 41.99
N ALA A 416 -24.98 -13.30 41.16
CA ALA A 416 -26.36 -13.75 40.95
C ALA A 416 -26.41 -15.11 40.26
N ALA A 417 -25.62 -15.32 39.21
CA ALA A 417 -25.58 -16.60 38.51
C ALA A 417 -25.15 -17.73 39.44
N ALA A 418 -24.03 -17.51 40.13
CA ALA A 418 -23.48 -18.43 41.14
C ALA A 418 -24.52 -18.96 42.13
N SER A 419 -25.29 -18.05 42.72
CA SER A 419 -26.24 -18.40 43.77
C SER A 419 -27.35 -19.38 43.36
N PHE A 420 -27.57 -19.58 42.05
CA PHE A 420 -28.50 -20.62 41.54
C PHE A 420 -27.76 -21.82 40.92
N GLY A 421 -26.45 -21.91 41.12
CA GLY A 421 -25.64 -22.97 40.50
C GLY A 421 -25.09 -22.69 39.11
N GLY A 422 -25.38 -21.51 38.56
CA GLY A 422 -24.89 -21.14 37.22
C GLY A 422 -23.61 -20.31 37.23
N THR A 423 -22.95 -20.22 36.08
CA THR A 423 -21.70 -19.47 35.94
C THR A 423 -21.99 -18.10 35.31
N GLY A 424 -21.38 -17.04 35.86
CA GLY A 424 -21.42 -15.73 35.23
C GLY A 424 -20.22 -14.83 35.49
N GLY A 425 -20.09 -13.76 34.71
CA GLY A 425 -19.05 -12.75 34.90
C GLY A 425 -18.91 -11.80 33.73
N GLY A 426 -17.73 -11.17 33.62
CA GLY A 426 -17.41 -10.24 32.54
C GLY A 426 -16.98 -8.90 33.10
N HIS A 427 -17.22 -7.85 32.32
CA HIS A 427 -16.77 -6.49 32.63
C HIS A 427 -17.86 -5.72 33.40
N ASP A 428 -17.62 -4.43 33.61
CA ASP A 428 -18.63 -3.53 34.17
C ASP A 428 -19.75 -3.17 33.19
N ILE A 429 -19.37 -2.97 31.92
CA ILE A 429 -20.28 -2.48 30.86
C ILE A 429 -21.03 -3.62 30.12
N ALA A 430 -20.40 -4.80 30.07
CA ALA A 430 -20.96 -5.98 29.44
C ALA A 430 -20.56 -7.22 30.21
N ALA A 431 -21.53 -8.10 30.43
CA ALA A 431 -21.33 -9.32 31.18
C ALA A 431 -22.22 -10.43 30.60
N GLY A 432 -21.86 -11.66 30.93
CA GLY A 432 -22.65 -12.84 30.58
C GLY A 432 -23.06 -13.67 31.81
N ALA A 433 -23.94 -14.62 31.60
CA ALA A 433 -24.32 -15.58 32.63
C ALA A 433 -25.12 -16.71 31.96
N MET A 434 -25.07 -17.88 32.57
CA MET A 434 -25.84 -19.04 32.14
C MET A 434 -26.56 -19.52 33.39
N VAL A 435 -27.89 -19.62 33.32
CA VAL A 435 -28.69 -20.04 34.50
C VAL A 435 -29.76 -21.05 34.11
N PRO A 436 -30.17 -21.92 35.07
CA PRO A 436 -31.24 -22.88 34.75
C PRO A 436 -32.52 -22.15 34.40
N TYR A 437 -33.26 -22.65 33.40
CA TYR A 437 -34.51 -22.00 32.95
C TYR A 437 -35.51 -21.76 34.09
N ARG A 438 -35.59 -22.71 35.02
CA ARG A 438 -36.55 -22.65 36.13
C ARG A 438 -36.25 -21.54 37.17
N ASP A 439 -35.02 -20.98 37.16
CA ASP A 439 -34.60 -19.94 38.13
C ASP A 439 -34.57 -18.50 37.57
N MET A 440 -35.15 -18.28 36.38
CA MET A 440 -34.94 -17.06 35.60
C MET A 440 -35.56 -15.83 36.23
N GLU A 441 -36.81 -15.94 36.71
CA GLU A 441 -37.49 -14.81 37.37
C GLU A 441 -36.74 -14.38 38.66
N SER A 442 -36.45 -15.37 39.51
CA SER A 442 -35.69 -15.17 40.74
C SER A 442 -34.33 -14.51 40.51
N PHE A 443 -33.58 -15.06 39.57
CA PHE A 443 -32.35 -14.47 39.09
C PHE A 443 -32.52 -13.01 38.69
N LEU A 444 -33.56 -12.72 37.89
CA LEU A 444 -33.81 -11.34 37.43
C LEU A 444 -34.21 -10.41 38.55
N GLN A 445 -34.95 -10.92 39.53
CA GLN A 445 -35.18 -10.16 40.77
C GLN A 445 -33.86 -9.98 41.55
N LEU A 446 -33.00 -10.99 41.56
CA LEU A 446 -31.74 -10.86 42.27
C LEU A 446 -30.76 -9.89 41.60
N VAL A 447 -30.68 -9.88 40.25
CA VAL A 447 -29.80 -8.91 39.58
C VAL A 447 -30.35 -7.48 39.78
N ASP A 448 -31.67 -7.37 39.94
CA ASP A 448 -32.32 -6.11 40.18
C ASP A 448 -31.99 -5.54 41.58
N GLU A 449 -32.03 -6.40 42.60
CA GLU A 449 -31.65 -6.01 43.96
C GLU A 449 -30.16 -5.61 44.08
N ILE A 450 -29.28 -6.33 43.37
CA ILE A 450 -27.86 -6.02 43.38
C ILE A 450 -27.56 -4.67 42.70
N LEU A 451 -28.13 -4.43 41.51
CA LEU A 451 -27.89 -3.17 40.80
C LEU A 451 -28.44 -1.94 41.52
N GLY A 452 -29.53 -2.10 42.26
CA GLY A 452 -30.07 -1.02 43.09
C GLY A 452 -29.13 -0.72 44.26
N THR A 453 -28.53 -1.78 44.82
CA THR A 453 -27.53 -1.63 45.88
C THR A 453 -26.29 -0.90 45.33
N GLN A 454 -25.85 -1.33 44.16
CA GLN A 454 -24.70 -0.73 43.48
C GLN A 454 -24.81 0.78 43.20
N THR A 455 -26.03 1.30 43.00
CA THR A 455 -26.23 2.72 42.60
C THR A 455 -26.88 3.68 43.66
N LEU B 13 -9.82 5.91 -17.22
CA LEU B 13 -9.24 6.13 -18.59
C LEU B 13 -10.36 6.16 -19.66
N PRO B 14 -10.18 6.96 -20.72
CA PRO B 14 -11.09 6.96 -21.86
C PRO B 14 -11.37 5.56 -22.46
N ASP B 15 -12.61 5.33 -22.90
CA ASP B 15 -12.99 4.05 -23.52
C ASP B 15 -12.29 3.85 -24.86
N SER B 16 -11.84 4.94 -25.50
CA SER B 16 -11.01 4.86 -26.69
C SER B 16 -9.65 4.21 -26.37
N ILE B 17 -8.94 4.75 -25.38
CA ILE B 17 -7.61 4.26 -24.94
C ILE B 17 -7.74 3.02 -24.06
N LEU B 18 -8.41 2.00 -24.59
CA LEU B 18 -8.93 0.88 -23.79
C LEU B 18 -9.63 -0.07 -24.76
N LYS B 19 -10.50 0.49 -25.62
CA LYS B 19 -11.05 -0.26 -26.76
C LYS B 19 -9.93 -0.65 -27.76
N ARG B 20 -8.95 0.24 -27.95
CA ARG B 20 -7.75 -0.08 -28.75
C ARG B 20 -6.80 -1.05 -28.03
N GLY B 21 -6.76 -0.95 -26.70
CA GLY B 21 -6.16 -1.98 -25.85
C GLY B 21 -6.70 -3.39 -26.11
N ALA B 22 -7.98 -3.49 -26.46
CA ALA B 22 -8.63 -4.77 -26.71
C ALA B 22 -8.40 -5.34 -28.10
N GLU B 23 -8.37 -4.48 -29.12
CA GLU B 23 -8.04 -4.93 -30.48
C GLU B 23 -6.64 -5.54 -30.51
N ALA B 24 -5.69 -4.81 -29.92
CA ALA B 24 -4.31 -5.26 -29.69
C ALA B 24 -4.18 -6.64 -29.03
N SER B 25 -4.92 -6.86 -27.94
CA SER B 25 -4.95 -8.16 -27.26
C SER B 25 -5.53 -9.26 -28.13
N LYS B 26 -6.66 -8.96 -28.78
CA LYS B 26 -7.36 -9.96 -29.61
C LYS B 26 -6.51 -10.39 -30.81
N VAL B 27 -5.76 -9.44 -31.41
CA VAL B 27 -4.83 -9.80 -32.49
C VAL B 27 -3.68 -10.66 -31.94
N LEU B 28 -3.18 -10.34 -30.73
CA LEU B 28 -2.12 -11.14 -30.12
C LEU B 28 -2.52 -12.62 -29.97
N GLU B 29 -3.77 -12.88 -29.58
CA GLU B 29 -4.27 -14.26 -29.39
C GLU B 29 -4.52 -15.06 -30.68
N GLU B 30 -4.91 -14.38 -31.77
CA GLU B 30 -5.10 -15.05 -33.07
C GLU B 30 -3.78 -15.57 -33.66
N HIS B 31 -2.65 -15.01 -33.21
CA HIS B 31 -1.32 -15.52 -33.58
C HIS B 31 -0.81 -16.53 -32.56
N LEU B 32 -1.11 -16.31 -31.27
CA LEU B 32 -0.73 -17.25 -30.22
C LEU B 32 -1.41 -18.62 -30.39
N GLU B 33 -2.70 -18.62 -30.75
CA GLU B 33 -3.41 -19.86 -31.10
C GLU B 33 -2.85 -20.53 -32.38
N ARG B 34 -2.52 -19.72 -33.38
CA ARG B 34 -1.91 -20.22 -34.62
C ARG B 34 -0.45 -20.72 -34.45
N GLY B 35 0.07 -20.73 -33.21
CA GLY B 35 1.36 -21.34 -32.89
C GLY B 35 2.59 -20.55 -33.32
N ASN B 36 2.45 -19.25 -33.51
CA ASN B 36 3.47 -18.44 -34.16
C ASN B 36 4.32 -17.61 -33.20
N ILE B 37 5.60 -17.48 -33.56
CA ILE B 37 6.61 -16.87 -32.71
C ILE B 37 6.48 -15.36 -32.89
N ILE B 38 5.97 -14.70 -31.86
CA ILE B 38 5.67 -13.28 -31.94
C ILE B 38 6.93 -12.44 -31.85
N ARG B 39 6.97 -11.40 -32.69
CA ARG B 39 8.17 -10.61 -32.89
C ARG B 39 8.05 -9.31 -32.10
N ILE B 40 8.95 -9.14 -31.12
CA ILE B 40 8.99 -7.94 -30.25
C ILE B 40 10.18 -7.08 -30.65
N ILE B 41 9.95 -5.81 -30.98
CA ILE B 41 11.02 -4.86 -31.33
C ILE B 41 10.90 -3.67 -30.39
N SER B 42 11.94 -3.38 -29.63
CA SER B 42 11.82 -2.32 -28.64
C SER B 42 13.11 -1.52 -28.48
N HIS B 43 12.98 -0.45 -27.72
CA HIS B 43 14.03 0.52 -27.50
C HIS B 43 14.94 0.08 -26.34
N ASN B 44 16.08 0.75 -26.18
CA ASN B 44 17.19 0.29 -25.34
C ASN B 44 17.44 1.07 -24.03
N ASP B 45 16.37 1.63 -23.46
CA ASP B 45 16.39 2.22 -22.10
C ASP B 45 15.33 1.52 -21.23
N ALA B 46 15.22 1.94 -19.96
CA ALA B 46 14.25 1.33 -19.03
C ALA B 46 12.81 1.18 -19.55
N ASP B 47 12.27 2.20 -20.24
CA ASP B 47 10.90 2.13 -20.83
C ASP B 47 10.79 1.08 -21.92
N GLY B 48 11.70 1.13 -22.88
CA GLY B 48 11.80 0.14 -23.96
C GLY B 48 12.04 -1.27 -23.47
N LEU B 49 13.04 -1.45 -22.59
CA LEU B 49 13.32 -2.77 -22.04
C LEU B 49 12.13 -3.33 -21.24
N SER B 50 11.63 -2.54 -20.29
CA SER B 50 10.50 -2.97 -19.48
C SER B 50 9.22 -3.22 -20.32
N ALA B 51 8.99 -2.40 -21.34
CA ALA B 51 7.84 -2.61 -22.24
C ALA B 51 7.88 -4.00 -22.93
N ALA B 52 9.00 -4.32 -23.58
CA ALA B 52 9.25 -5.66 -24.13
C ALA B 52 9.06 -6.74 -23.05
N GLY B 53 9.56 -6.48 -21.85
CA GLY B 53 9.34 -7.34 -20.68
C GLY B 53 7.86 -7.63 -20.45
N VAL B 54 7.06 -6.57 -20.42
CA VAL B 54 5.60 -6.66 -20.29
C VAL B 54 5.03 -7.59 -21.35
N VAL B 55 5.37 -7.35 -22.62
CA VAL B 55 4.85 -8.20 -23.72
C VAL B 55 5.38 -9.64 -23.59
N ALA B 56 6.68 -9.79 -23.35
CA ALA B 56 7.29 -11.10 -23.23
C ALA B 56 6.54 -11.93 -22.20
N ARG B 57 6.30 -11.32 -21.04
CA ARG B 57 5.60 -12.01 -19.94
C ARG B 57 4.15 -12.31 -20.24
N ALA B 58 3.43 -11.36 -20.84
CA ALA B 58 2.10 -11.64 -21.37
C ALA B 58 2.16 -12.94 -22.18
N ILE B 59 3.05 -12.98 -23.18
CA ILE B 59 3.21 -14.12 -24.08
C ILE B 59 3.60 -15.44 -23.36
N SER B 60 4.52 -15.39 -22.39
CA SER B 60 4.88 -16.59 -21.60
C SER B 60 3.72 -17.14 -20.79
N SER B 61 2.86 -16.26 -20.28
CA SER B 61 1.75 -16.68 -19.42
C SER B 61 0.74 -17.57 -20.15
N MET B 62 0.83 -17.62 -21.49
CA MET B 62 -0.02 -18.49 -22.31
C MET B 62 0.80 -19.49 -23.12
N ASN B 63 1.95 -19.90 -22.58
CA ASN B 63 2.84 -20.85 -23.25
C ASN B 63 3.16 -20.49 -24.70
N GLY B 64 3.21 -19.18 -24.98
CA GLY B 64 3.58 -18.69 -26.30
C GLY B 64 5.08 -18.55 -26.31
N GLN B 65 5.62 -18.34 -27.49
CA GLN B 65 7.06 -18.02 -27.67
C GLN B 65 7.22 -16.65 -28.31
N PHE B 66 8.40 -16.08 -28.12
CA PHE B 66 8.69 -14.71 -28.56
C PHE B 66 10.17 -14.55 -28.91
N HIS B 67 10.49 -13.51 -29.67
CA HIS B 67 11.86 -13.19 -30.01
C HIS B 67 12.02 -11.66 -29.96
N ILE B 68 12.85 -11.19 -29.04
CA ILE B 68 13.05 -9.77 -28.81
C ILE B 68 14.24 -9.25 -29.61
N SER B 69 14.10 -8.03 -30.12
CA SER B 69 15.18 -7.24 -30.71
C SER B 69 15.22 -5.87 -30.03
N ILE B 70 16.35 -5.51 -29.45
CA ILE B 70 16.51 -4.22 -28.77
C ILE B 70 17.44 -3.31 -29.59
N LEU B 71 16.90 -2.18 -30.04
CA LEU B 71 17.59 -1.21 -30.91
C LEU B 71 17.77 0.11 -30.19
N SER B 72 18.82 0.85 -30.51
CA SER B 72 18.96 2.23 -30.05
C SER B 72 18.05 3.17 -30.84
N ARG B 73 17.95 2.91 -32.15
CA ARG B 73 17.14 3.70 -33.03
C ARG B 73 16.47 2.77 -34.01
N LEU B 74 15.25 3.14 -34.43
CA LEU B 74 14.57 2.46 -35.51
C LEU B 74 14.83 3.26 -36.80
N LYS B 75 15.28 2.53 -37.82
CA LYS B 75 15.53 3.06 -39.15
C LYS B 75 14.72 2.24 -40.15
N LYS B 76 14.38 2.88 -41.28
CA LYS B 76 13.66 2.25 -42.39
C LYS B 76 14.36 1.01 -42.95
N GLU B 77 15.69 1.00 -42.89
CA GLU B 77 16.48 -0.15 -43.34
C GLU B 77 16.15 -1.43 -42.54
N PHE B 78 16.07 -1.31 -41.21
CA PHE B 78 15.72 -2.43 -40.32
C PHE B 78 14.33 -2.97 -40.64
N ILE B 79 13.42 -2.03 -40.93
CA ILE B 79 12.04 -2.36 -41.29
C ILE B 79 11.98 -3.00 -42.68
N LYS B 80 12.80 -2.53 -43.61
CA LYS B 80 12.95 -3.17 -44.90
C LYS B 80 13.35 -4.64 -44.71
N LYS B 81 14.40 -4.88 -43.92
CA LYS B 81 14.89 -6.25 -43.64
C LYS B 81 13.87 -7.13 -42.93
N LEU B 82 13.05 -6.51 -42.08
CA LEU B 82 12.01 -7.21 -41.34
C LEU B 82 10.98 -7.83 -42.28
N SER B 83 10.68 -7.15 -43.38
CA SER B 83 9.72 -7.62 -44.39
C SER B 83 10.14 -8.94 -45.09
N GLY B 84 11.44 -9.26 -45.06
CA GLY B 84 11.91 -10.58 -45.44
C GLY B 84 11.55 -11.72 -44.47
N GLU B 85 11.24 -11.40 -43.21
CA GLU B 85 11.13 -12.35 -42.10
C GLU B 85 9.77 -13.02 -42.07
N LYS B 86 9.75 -14.25 -41.55
CA LYS B 86 8.53 -15.08 -41.49
C LYS B 86 7.47 -14.53 -40.50
N TYR B 87 7.78 -14.66 -39.21
CA TYR B 87 7.07 -14.01 -38.07
C TYR B 87 5.80 -13.17 -38.37
N SER B 88 4.62 -13.74 -38.12
CA SER B 88 3.36 -13.09 -38.53
C SER B 88 2.94 -11.83 -37.72
N LEU B 89 3.31 -11.71 -36.44
CA LEU B 89 2.96 -10.52 -35.64
C LEU B 89 4.18 -9.78 -35.10
N PHE B 90 4.25 -8.49 -35.40
CA PHE B 90 5.30 -7.59 -34.97
C PHE B 90 4.78 -6.65 -33.89
N PHE B 91 5.53 -6.52 -32.80
CA PHE B 91 5.16 -5.69 -31.63
C PHE B 91 6.24 -4.64 -31.38
N PHE B 92 6.04 -3.42 -31.87
CA PHE B 92 7.01 -2.33 -31.66
C PHE B 92 6.67 -1.60 -30.37
N CYS B 93 7.60 -1.54 -29.43
CA CYS B 93 7.42 -0.73 -28.22
C CYS B 93 8.35 0.47 -28.21
N ASP B 94 7.81 1.61 -27.77
CA ASP B 94 8.56 2.84 -27.55
C ASP B 94 9.14 3.43 -28.84
N MET B 95 8.57 3.00 -29.98
CA MET B 95 8.99 3.43 -31.32
C MET B 95 7.99 2.84 -32.33
N GLY B 96 7.76 3.53 -33.43
CA GLY B 96 6.81 3.08 -34.45
C GLY B 96 5.99 4.22 -35.01
N SER B 97 5.52 5.10 -34.13
CA SER B 97 4.70 6.25 -34.53
C SER B 97 5.36 7.19 -35.54
N ALA B 98 6.69 7.25 -35.55
CA ALA B 98 7.43 8.01 -36.55
C ALA B 98 7.49 7.35 -37.94
N TYR B 99 7.41 6.02 -38.02
CA TYR B 99 7.58 5.29 -39.28
C TYR B 99 6.38 4.38 -39.62
N LEU B 100 5.17 4.95 -39.57
CA LEU B 100 3.93 4.15 -39.65
C LEU B 100 3.57 3.59 -41.02
N GLU B 101 3.72 4.41 -42.07
CA GLU B 101 3.44 3.95 -43.44
C GLU B 101 4.53 2.98 -43.92
N GLU B 102 5.76 3.19 -43.44
CA GLU B 102 6.91 2.33 -43.71
C GLU B 102 6.63 0.98 -43.10
N ILE B 103 6.21 1.03 -41.82
CA ILE B 103 5.72 -0.16 -41.12
C ILE B 103 4.60 -0.82 -41.93
N SER B 104 3.60 -0.06 -42.35
CA SER B 104 2.48 -0.63 -43.12
C SER B 104 2.87 -1.34 -44.44
N ARG B 105 4.09 -1.09 -44.95
CA ARG B 105 4.69 -1.93 -46.00
C ARG B 105 4.94 -3.37 -45.50
N LEU B 106 5.07 -3.56 -44.19
CA LEU B 106 5.08 -4.91 -43.57
C LEU B 106 3.70 -5.53 -43.62
N LYS B 107 3.67 -6.84 -43.89
CA LYS B 107 2.44 -7.63 -43.83
C LYS B 107 2.61 -8.78 -42.80
N GLY B 108 1.46 -9.29 -42.41
CA GLY B 108 1.27 -10.01 -41.17
C GLY B 108 0.33 -9.13 -40.40
N ASP B 109 0.42 -9.15 -39.08
CA ASP B 109 -0.22 -8.15 -38.24
C ASP B 109 0.89 -7.39 -37.60
N VAL B 110 0.57 -6.19 -37.15
CA VAL B 110 1.54 -5.30 -36.52
C VAL B 110 0.87 -4.51 -35.40
N ILE B 111 1.51 -4.49 -34.22
CA ILE B 111 1.09 -3.61 -33.10
C ILE B 111 2.20 -2.60 -32.81
N VAL B 112 1.83 -1.33 -32.69
CA VAL B 112 2.76 -0.26 -32.30
C VAL B 112 2.29 0.33 -31.01
N ALA B 113 3.08 0.08 -29.95
CA ALA B 113 2.84 0.62 -28.61
C ALA B 113 3.92 1.66 -28.27
N ASP B 114 3.69 2.89 -28.70
CA ASP B 114 4.60 4.02 -28.54
C ASP B 114 3.89 5.11 -27.70
N HIS B 115 4.61 6.17 -27.40
CA HIS B 115 4.04 7.36 -26.76
C HIS B 115 4.65 8.67 -27.24
N HIS B 116 5.36 8.67 -28.39
CA HIS B 116 6.03 9.86 -28.89
C HIS B 116 5.08 10.57 -29.83
N GLN B 117 5.35 11.84 -30.14
CA GLN B 117 4.48 12.59 -31.06
C GLN B 117 4.26 11.75 -32.30
N PRO B 118 2.99 11.40 -32.61
CA PRO B 118 2.72 10.75 -33.90
C PRO B 118 3.06 11.64 -35.13
N SER B 119 3.03 11.06 -36.34
CA SER B 119 3.40 11.78 -37.57
C SER B 119 2.27 11.80 -38.58
N GLY B 124 -2.66 2.21 -41.78
CA GLY B 124 -2.58 0.92 -41.12
C GLY B 124 -3.79 0.02 -41.31
N PRO B 125 -3.85 -0.69 -42.47
CA PRO B 125 -4.98 -1.63 -42.68
C PRO B 125 -4.90 -2.87 -41.77
N HIS B 126 -3.68 -3.34 -41.50
CA HIS B 126 -3.46 -4.47 -40.59
C HIS B 126 -2.68 -4.04 -39.32
N VAL B 127 -2.67 -2.74 -39.02
CA VAL B 127 -1.82 -2.18 -37.98
C VAL B 127 -2.69 -1.67 -36.83
N VAL B 128 -2.36 -2.09 -35.61
CA VAL B 128 -3.01 -1.61 -34.41
C VAL B 128 -2.10 -0.59 -33.75
N HIS B 129 -2.44 0.69 -33.81
CA HIS B 129 -1.60 1.74 -33.24
C HIS B 129 -2.22 2.25 -31.95
N ILE B 130 -1.51 2.06 -30.84
CA ILE B 130 -1.91 2.53 -29.52
C ILE B 130 -0.90 3.58 -29.09
N ASN B 131 -1.37 4.79 -28.83
CA ASN B 131 -0.48 5.91 -28.47
C ASN B 131 -1.28 6.98 -27.75
N PRO B 132 -0.91 7.36 -26.51
CA PRO B 132 -1.72 8.29 -25.69
C PRO B 132 -2.08 9.63 -26.32
N HIS B 133 -1.19 10.14 -27.18
CA HIS B 133 -1.39 11.37 -27.94
C HIS B 133 -2.65 11.35 -28.81
N LEU B 134 -3.05 10.15 -29.26
CA LEU B 134 -4.24 9.98 -30.09
C LEU B 134 -5.54 9.88 -29.28
N HIS B 135 -5.45 9.80 -27.97
CA HIS B 135 -6.63 9.72 -27.10
C HIS B 135 -6.57 10.77 -25.99
N GLY B 136 -6.13 11.97 -26.38
CA GLY B 136 -6.13 13.16 -25.52
C GLY B 136 -5.40 13.09 -24.19
N LEU B 137 -4.35 12.27 -24.10
CA LEU B 137 -3.50 12.23 -22.91
C LEU B 137 -2.08 12.63 -23.29
N ASP B 138 -1.34 13.14 -22.31
CA ASP B 138 0.06 13.53 -22.52
C ASP B 138 0.97 12.29 -22.42
N GLY B 139 1.55 11.92 -23.55
CA GLY B 139 2.59 10.89 -23.58
C GLY B 139 3.95 11.27 -23.00
N SER B 140 4.13 12.54 -22.58
CA SER B 140 5.33 12.98 -21.85
C SER B 140 5.15 12.93 -20.31
N ARG B 141 3.94 13.15 -19.82
CA ARG B 141 3.69 13.26 -18.37
C ARG B 141 3.01 12.03 -17.75
N ASP B 142 2.18 11.33 -18.53
CA ASP B 142 1.16 10.44 -18.01
C ASP B 142 1.18 8.98 -18.50
N LEU B 143 1.89 8.66 -19.59
CA LEU B 143 1.94 7.28 -20.10
C LEU B 143 3.16 7.03 -20.98
N SER B 144 3.91 5.99 -20.64
CA SER B 144 5.12 5.56 -21.36
C SER B 144 4.82 4.28 -22.17
N ALA B 145 5.80 3.88 -22.98
CA ALA B 145 5.67 2.68 -23.80
C ALA B 145 5.32 1.45 -22.97
N SER B 146 5.91 1.34 -21.80
CA SER B 146 5.63 0.21 -20.91
C SER B 146 4.14 0.12 -20.50
N GLY B 147 3.56 1.25 -20.09
CA GLY B 147 2.11 1.38 -19.83
C GLY B 147 1.25 1.16 -21.07
N THR B 148 1.66 1.72 -22.20
CA THR B 148 0.93 1.48 -23.44
C THR B 148 0.93 -0.01 -23.77
N ALA B 149 2.08 -0.65 -23.64
CA ALA B 149 2.21 -2.09 -23.85
C ALA B 149 1.39 -2.87 -22.85
N TYR B 150 1.29 -2.36 -21.62
CA TYR B 150 0.40 -2.95 -20.62
C TYR B 150 -1.07 -2.88 -21.10
N LEU B 151 -1.50 -1.72 -21.58
CA LEU B 151 -2.86 -1.58 -22.12
C LEU B 151 -3.15 -2.48 -23.33
N ALA B 152 -2.12 -2.87 -24.08
CA ALA B 152 -2.28 -3.87 -25.13
C ALA B 152 -2.36 -5.31 -24.61
N THR B 153 -1.87 -5.56 -23.38
CA THR B 153 -1.80 -6.90 -22.81
C THR B 153 -2.64 -7.10 -21.52
N ARG B 154 -3.40 -6.09 -21.14
CA ARG B 154 -4.13 -6.08 -19.87
C ARG B 154 -5.13 -7.25 -19.71
N LEU B 155 -5.83 -7.61 -20.79
CA LEU B 155 -6.81 -8.72 -20.76
C LEU B 155 -6.19 -10.11 -20.93
N LEU B 156 -4.87 -10.19 -21.07
CA LEU B 156 -4.12 -11.47 -21.02
C LEU B 156 -3.45 -11.67 -19.68
N ASN B 157 -2.87 -10.60 -19.15
CA ASN B 157 -2.04 -10.67 -17.94
C ASN B 157 -2.03 -9.30 -17.27
N ARG B 158 -2.46 -9.26 -16.01
CA ARG B 158 -2.36 -8.06 -15.16
C ARG B 158 -1.22 -8.14 -14.15
N LYS B 159 -0.55 -9.30 -14.05
CA LYS B 159 0.64 -9.45 -13.16
C LYS B 159 1.86 -8.62 -13.61
N THR B 160 1.84 -8.11 -14.83
CA THR B 160 2.89 -7.27 -15.37
C THR B 160 2.82 -5.78 -15.01
N ALA B 161 1.79 -5.38 -14.25
CA ALA B 161 1.49 -3.96 -14.00
C ALA B 161 2.64 -3.21 -13.33
N PRO B 162 3.34 -3.86 -12.40
CA PRO B 162 4.51 -3.20 -11.83
C PRO B 162 5.59 -2.83 -12.83
N LEU B 163 5.77 -3.62 -13.89
CA LEU B 163 6.79 -3.34 -14.91
C LEU B 163 6.45 -2.14 -15.79
N ALA B 164 5.15 -1.99 -16.06
CA ALA B 164 4.60 -0.76 -16.65
C ALA B 164 5.03 0.51 -15.89
N LEU B 165 5.13 0.45 -14.56
CA LEU B 165 5.60 1.58 -13.75
C LEU B 165 7.12 1.76 -13.66
N VAL B 166 7.88 0.71 -13.96
CA VAL B 166 9.34 0.84 -14.08
C VAL B 166 9.67 1.75 -15.28
N GLY B 167 9.12 1.40 -16.43
CA GLY B 167 9.30 2.19 -17.64
C GLY B 167 8.89 3.65 -17.46
N ALA B 168 7.75 3.85 -16.79
CA ALA B 168 7.24 5.18 -16.43
C ALA B 168 8.28 5.96 -15.66
N LEU B 169 8.79 5.36 -14.60
CA LEU B 169 9.87 5.96 -13.79
C LEU B 169 11.13 6.16 -14.63
N GLY B 170 11.44 5.17 -15.48
CA GLY B 170 12.56 5.26 -16.42
C GLY B 170 12.55 6.54 -17.22
N ASP B 171 11.39 6.89 -17.79
CA ASP B 171 11.20 8.14 -18.55
C ASP B 171 10.68 9.32 -17.70
N MET B 172 10.92 9.27 -16.39
CA MET B 172 10.63 10.38 -15.48
C MET B 172 9.19 10.94 -15.52
N GLN B 173 8.20 10.06 -15.71
CA GLN B 173 6.78 10.43 -15.68
C GLN B 173 6.28 10.42 -14.23
N TYR B 174 7.04 11.03 -13.35
CA TYR B 174 6.81 11.00 -11.93
C TYR B 174 7.38 12.25 -11.26
N THR B 175 6.52 13.26 -11.09
CA THR B 175 6.86 14.43 -10.27
C THR B 175 5.57 14.88 -9.61
N ASP B 176 5.47 14.63 -8.30
CA ASP B 176 4.19 14.65 -7.58
C ASP B 176 3.28 13.51 -8.09
N GLY B 177 3.82 12.28 -8.04
CA GLY B 177 3.04 11.06 -8.22
C GLY B 177 2.61 10.72 -9.64
N PHE B 178 2.49 9.43 -9.92
CA PHE B 178 2.01 8.98 -11.21
C PHE B 178 0.69 9.67 -11.51
N THR B 179 0.62 10.33 -12.67
CA THR B 179 -0.57 11.03 -13.09
C THR B 179 -1.21 10.28 -14.25
N GLY B 180 -2.49 10.56 -14.47
CA GLY B 180 -3.20 10.02 -15.63
C GLY B 180 -3.15 8.50 -15.72
N ALA B 181 -3.19 7.99 -16.95
CA ALA B 181 -3.05 6.56 -17.25
C ALA B 181 -2.12 5.79 -16.33
N ASN B 182 -0.98 6.37 -15.92
CA ASN B 182 -0.06 5.65 -15.04
C ASN B 182 -0.65 5.51 -13.64
N ARG B 183 -1.42 6.50 -13.19
CA ARG B 183 -2.17 6.41 -11.93
C ARG B 183 -3.20 5.30 -12.02
N PHE B 184 -3.94 5.24 -13.12
CA PHE B 184 -4.88 4.12 -13.39
C PHE B 184 -4.21 2.74 -13.30
N ILE B 185 -2.95 2.65 -13.75
CA ILE B 185 -2.13 1.43 -13.64
C ILE B 185 -1.69 1.14 -12.20
N MET B 186 -1.26 2.16 -11.47
CA MET B 186 -0.82 1.97 -10.07
C MET B 186 -1.96 1.44 -9.19
N GLU B 187 -3.15 2.02 -9.36
CA GLU B 187 -4.34 1.61 -8.63
C GLU B 187 -4.92 0.30 -9.13
N GLU B 188 -4.74 -0.02 -10.40
CA GLU B 188 -5.06 -1.34 -10.94
C GLU B 188 -4.11 -2.40 -10.39
N ALA B 189 -2.82 -2.09 -10.31
CA ALA B 189 -1.83 -2.98 -9.67
C ALA B 189 -2.10 -3.13 -8.17
N VAL B 190 -2.52 -2.06 -7.51
CA VAL B 190 -2.79 -2.08 -6.06
C VAL B 190 -3.98 -2.98 -5.73
N GLU B 191 -5.13 -2.74 -6.34
CA GLU B 191 -6.26 -3.64 -6.23
C GLU B 191 -5.86 -5.12 -6.43
N GLU B 192 -5.06 -5.39 -7.48
CA GLU B 192 -4.62 -6.77 -7.86
C GLU B 192 -3.58 -7.42 -6.91
N GLY B 193 -3.08 -6.66 -5.94
CA GLY B 193 -2.21 -7.19 -4.89
C GLY B 193 -0.75 -7.39 -5.26
N VAL B 194 -0.35 -7.01 -6.48
CA VAL B 194 1.04 -7.21 -6.96
C VAL B 194 1.97 -6.01 -6.73
N LEU B 195 1.42 -4.89 -6.24
CA LEU B 195 2.18 -3.67 -6.03
C LEU B 195 1.75 -3.03 -4.72
N GLN B 196 2.70 -2.91 -3.80
CA GLN B 196 2.49 -2.26 -2.51
C GLN B 196 3.13 -0.84 -2.47
N VAL B 197 2.58 0.02 -1.59
CA VAL B 197 3.01 1.43 -1.45
C VAL B 197 3.29 1.77 0.03
N HIS B 198 4.31 2.58 0.26
CA HIS B 198 4.61 3.10 1.58
C HIS B 198 5.56 4.27 1.40
N SER B 199 5.44 5.26 2.27
CA SER B 199 6.31 6.43 2.23
C SER B 199 7.58 6.12 3.01
N ASP B 200 8.74 6.35 2.40
CA ASP B 200 10.01 6.12 3.07
C ASP B 200 11.09 7.03 2.45
N LEU B 201 12.31 6.96 2.98
CA LEU B 201 13.44 7.57 2.31
C LEU B 201 13.67 6.84 1.00
N LYS B 202 13.99 7.60 -0.06
CA LYS B 202 14.11 7.04 -1.41
C LYS B 202 15.58 6.99 -1.81
N LEU B 203 16.35 6.30 -0.98
CA LEU B 203 17.78 6.11 -1.24
C LEU B 203 17.96 5.05 -2.32
N ALA B 204 19.05 5.18 -3.07
CA ALA B 204 19.39 4.24 -4.13
C ALA B 204 19.84 2.94 -3.51
N SER B 205 19.26 1.82 -3.98
CA SER B 205 19.75 0.49 -3.65
C SER B 205 19.88 0.24 -2.12
N ARG B 206 18.77 0.37 -1.41
CA ARG B 206 18.80 0.24 0.05
C ARG B 206 19.10 -1.18 0.56
N TYR B 207 18.66 -2.22 -0.14
CA TYR B 207 18.96 -3.61 0.26
C TYR B 207 20.38 -4.09 -0.11
N THR B 208 20.98 -3.60 -1.21
CA THR B 208 22.27 -4.15 -1.70
C THR B 208 23.55 -3.42 -1.27
N GLU B 209 23.46 -2.17 -0.82
CA GLU B 209 24.66 -1.38 -0.46
C GLU B 209 24.62 -0.89 0.97
N PRO B 210 25.81 -0.68 1.59
CA PRO B 210 25.83 -0.03 2.90
C PRO B 210 25.45 1.46 2.81
N LEU B 211 24.96 2.01 3.93
CA LEU B 211 24.36 3.36 3.98
C LEU B 211 25.19 4.46 3.32
N TYR B 212 26.52 4.38 3.39
CA TYR B 212 27.37 5.45 2.82
C TYR B 212 27.39 5.47 1.29
N ARG B 213 27.33 4.31 0.64
CA ARG B 213 27.29 4.25 -0.84
C ARG B 213 25.88 4.55 -1.36
N SER B 214 24.88 3.99 -0.69
CA SER B 214 23.47 4.26 -0.99
C SER B 214 23.16 5.76 -1.04
N ILE B 215 23.61 6.50 -0.05
CA ILE B 215 23.45 7.92 -0.06
C ILE B 215 24.23 8.51 -1.23
N ALA B 216 25.51 8.18 -1.33
CA ALA B 216 26.36 8.71 -2.39
C ALA B 216 25.85 8.43 -3.80
N TYR B 217 25.08 7.36 -3.97
CA TYR B 217 24.54 6.95 -5.26
C TYR B 217 23.08 7.38 -5.48
N THR B 218 22.48 8.08 -4.53
CA THR B 218 21.16 8.62 -4.74
C THR B 218 21.33 9.86 -5.57
N PHE B 219 21.01 9.74 -6.85
CA PHE B 219 21.11 10.85 -7.81
C PHE B 219 19.78 11.52 -8.06
N ASN B 220 18.67 10.79 -7.86
CA ASN B 220 17.30 11.33 -7.88
C ASN B 220 16.47 10.61 -6.80
N PRO B 221 15.97 11.32 -5.77
CA PRO B 221 16.10 12.77 -5.58
C PRO B 221 17.50 13.12 -5.11
N ALA B 222 18.05 14.23 -5.59
CA ALA B 222 19.40 14.63 -5.25
C ALA B 222 19.53 15.03 -3.78
N LEU B 223 20.71 14.77 -3.21
CA LEU B 223 21.09 15.22 -1.88
C LEU B 223 22.37 16.10 -1.94
N PRO B 224 22.22 17.42 -2.19
CA PRO B 224 23.33 18.37 -2.20
C PRO B 224 24.27 18.21 -1.00
N GLY B 225 25.57 18.24 -1.26
CA GLY B 225 26.56 17.88 -0.27
C GLY B 225 26.99 16.42 -0.33
N LEU B 226 26.03 15.50 -0.43
CA LEU B 226 26.22 14.05 -0.18
C LEU B 226 26.29 13.22 -1.45
N THR B 227 25.33 13.44 -2.35
CA THR B 227 25.25 12.73 -3.63
C THR B 227 26.55 12.81 -4.44
N GLY B 228 27.00 11.66 -4.93
CA GLY B 228 28.20 11.57 -5.73
C GLY B 228 29.51 11.85 -5.01
N ASP B 229 29.52 11.70 -3.69
CA ASP B 229 30.70 12.03 -2.86
C ASP B 229 30.76 11.03 -1.70
N MET B 230 31.74 10.12 -1.76
CA MET B 230 31.86 9.01 -0.81
C MET B 230 32.37 9.44 0.56
N GLU B 231 33.46 10.20 0.58
CA GLU B 231 34.05 10.68 1.84
C GLU B 231 33.08 11.60 2.58
N ALA B 232 32.46 12.50 1.82
CA ALA B 232 31.44 13.44 2.34
C ALA B 232 30.22 12.73 2.95
N SER B 233 29.71 11.69 2.28
CA SER B 233 28.62 10.87 2.83
C SER B 233 29.06 10.14 4.12
N MET B 234 30.33 9.72 4.14
CA MET B 234 30.91 8.98 5.26
C MET B 234 31.04 9.90 6.47
N GLY B 235 31.77 11.01 6.28
CA GLY B 235 31.95 12.06 7.30
C GLY B 235 30.65 12.63 7.86
N PHE B 236 29.65 12.80 6.99
CA PHE B 236 28.28 13.20 7.37
C PHE B 236 27.73 12.24 8.38
N LEU B 237 27.65 10.97 8.01
CA LEU B 237 27.06 9.93 8.89
C LEU B 237 27.86 9.69 10.17
N GLU B 238 29.20 9.77 10.04
CA GLU B 238 30.12 9.74 11.18
C GLU B 238 29.72 10.78 12.23
N ASN B 239 29.68 12.04 11.79
CA ASN B 239 29.39 13.20 12.66
C ASN B 239 28.00 13.15 13.30
N ILE B 240 26.97 12.75 12.54
CA ILE B 240 25.60 12.61 13.08
C ILE B 240 25.32 11.26 13.75
N GLY B 241 26.31 10.36 13.75
CA GLY B 241 26.26 9.14 14.56
C GLY B 241 25.30 8.06 14.12
N VAL B 242 25.48 7.61 12.87
CA VAL B 242 24.76 6.45 12.32
C VAL B 242 25.81 5.51 11.65
N SER B 243 25.62 4.20 11.79
CA SER B 243 26.57 3.21 11.25
C SER B 243 26.76 3.35 9.74
N TYR B 244 27.89 3.92 9.32
CA TYR B 244 28.11 4.22 7.90
C TYR B 244 28.36 2.99 7.03
N GLY B 245 28.83 1.90 7.63
CA GLY B 245 29.12 0.65 6.92
C GLY B 245 28.10 -0.48 7.03
N VAL B 246 26.86 -0.16 7.43
CA VAL B 246 25.77 -1.15 7.48
C VAL B 246 24.70 -0.74 6.50
N LYS B 247 23.94 -1.71 6.01
CA LYS B 247 22.87 -1.45 5.02
C LYS B 247 21.63 -0.98 5.75
N TYR B 248 20.75 -0.32 5.00
CA TYR B 248 19.70 0.57 5.56
C TYR B 248 18.78 -0.09 6.58
N PRO B 249 18.24 -1.28 6.28
CA PRO B 249 17.40 -1.95 7.30
C PRO B 249 18.15 -2.59 8.51
N ASP B 250 19.48 -2.67 8.46
CA ASP B 250 20.29 -3.26 9.55
C ASP B 250 20.72 -2.28 10.66
N LEU B 251 20.37 -0.99 10.53
CA LEU B 251 20.71 0.04 11.53
C LEU B 251 19.89 -0.13 12.82
N SER B 252 19.96 0.84 13.74
CA SER B 252 19.03 0.92 14.89
C SER B 252 17.94 1.96 14.58
N PRO B 253 16.65 1.66 14.89
CA PRO B 253 15.56 2.64 14.70
C PRO B 253 15.80 4.06 15.25
N GLU B 254 16.52 4.17 16.39
CA GLU B 254 16.96 5.48 16.92
C GLU B 254 18.03 6.13 16.02
N GLU B 255 18.88 5.30 15.42
CA GLU B 255 19.79 5.75 14.34
C GLU B 255 19.06 6.05 13.01
N ARG B 256 17.91 5.40 12.78
CA ARG B 256 17.13 5.58 11.53
C ARG B 256 16.46 6.95 11.44
N ASP B 257 15.80 7.39 12.50
CA ASP B 257 15.06 8.68 12.46
C ASP B 257 15.95 9.93 12.65
N VAL B 258 17.21 9.74 13.04
CA VAL B 258 18.24 10.78 12.83
C VAL B 258 18.30 11.05 11.32
N LEU B 259 18.32 9.96 10.54
CA LEU B 259 18.43 10.03 9.08
C LEU B 259 17.21 10.68 8.43
N ARG B 260 16.00 10.27 8.77
CA ARG B 260 14.81 10.85 8.14
C ARG B 260 14.77 12.37 8.31
N ASP B 261 14.99 12.85 9.54
CA ASP B 261 14.94 14.30 9.81
C ASP B 261 16.14 15.06 9.24
N GLU B 262 17.28 14.40 9.12
CA GLU B 262 18.49 15.06 8.58
C GLU B 262 18.50 15.20 7.05
N LEU B 263 18.09 14.15 6.34
CA LEU B 263 18.09 14.17 4.88
C LEU B 263 16.98 15.02 4.30
N THR B 264 15.90 15.16 5.08
CA THR B 264 14.77 15.99 4.70
C THR B 264 15.11 17.49 4.75
N ARG B 265 16.04 17.89 5.63
CA ARG B 265 16.58 19.26 5.62
C ARG B 265 17.41 19.61 4.36
N ILE B 266 18.09 18.61 3.81
CA ILE B 266 18.98 18.79 2.66
C ILE B 266 18.15 18.80 1.37
N ASN B 267 17.17 17.90 1.29
CA ASN B 267 16.20 17.87 0.23
C ASN B 267 14.94 17.18 0.71
N PRO B 268 13.82 17.93 0.87
CA PRO B 268 12.62 17.31 1.45
C PRO B 268 11.89 16.32 0.53
N GLU B 269 12.16 16.38 -0.78
CA GLU B 269 11.62 15.41 -1.73
C GLU B 269 12.20 13.99 -1.55
N ILE B 270 13.28 13.83 -0.76
CA ILE B 270 13.81 12.50 -0.40
C ILE B 270 12.78 11.59 0.30
N PHE B 271 11.91 12.16 1.14
CA PHE B 271 10.84 11.39 1.75
C PHE B 271 9.63 11.43 0.85
N GLY B 272 9.08 10.26 0.51
CA GLY B 272 7.89 10.18 -0.34
C GLY B 272 7.52 8.77 -0.74
N GLU B 273 6.64 8.66 -1.72
CA GLU B 273 6.14 7.37 -2.26
C GLU B 273 7.29 6.46 -2.75
N VAL B 274 7.33 5.25 -2.17
CA VAL B 274 8.16 4.13 -2.59
C VAL B 274 7.21 3.05 -3.14
N PHE B 275 7.68 2.32 -4.15
CA PHE B 275 6.89 1.27 -4.80
C PHE B 275 7.64 -0.05 -4.75
N THR B 276 7.06 -1.02 -4.06
CA THR B 276 7.63 -2.35 -3.97
C THR B 276 6.61 -3.39 -4.51
N SER B 277 7.11 -4.38 -5.23
CA SER B 277 6.32 -5.52 -5.69
C SER B 277 7.09 -6.76 -5.26
N ARG B 278 6.39 -7.83 -4.86
CA ARG B 278 7.02 -9.03 -4.28
C ARG B 278 8.04 -9.71 -5.19
N GLU B 279 7.79 -9.67 -6.50
CA GLU B 279 8.67 -10.27 -7.49
C GLU B 279 10.04 -9.58 -7.58
N PHE B 280 10.11 -8.28 -7.24
CA PHE B 280 11.39 -7.54 -7.18
C PHE B 280 11.99 -7.38 -5.78
N ARG B 281 11.47 -8.10 -4.78
CA ARG B 281 12.05 -8.12 -3.42
C ARG B 281 13.52 -8.52 -3.49
N ASN B 282 14.33 -7.96 -2.60
CA ASN B 282 15.78 -8.25 -2.56
C ASN B 282 16.58 -7.87 -3.83
N ILE B 283 15.92 -7.31 -4.86
CA ILE B 283 16.60 -6.43 -5.81
C ILE B 283 16.38 -5.00 -5.27
N GLY B 284 15.13 -4.55 -5.21
CA GLY B 284 14.83 -3.18 -4.78
C GLY B 284 13.40 -2.75 -5.00
N ASP B 285 13.12 -1.48 -4.72
CA ASP B 285 11.86 -0.83 -5.13
C ASP B 285 11.77 -0.69 -6.66
N LEU B 286 10.62 -0.26 -7.17
CA LEU B 286 10.41 -0.13 -8.62
C LEU B 286 11.31 0.86 -9.33
N SER B 287 11.80 1.86 -8.61
CA SER B 287 12.66 2.86 -9.20
C SER B 287 14.13 2.42 -9.09
N ASP B 288 14.41 1.43 -8.26
CA ASP B 288 15.70 0.73 -8.32
C ASP B 288 15.80 -0.16 -9.58
N ILE B 289 14.69 -0.74 -10.00
CA ILE B 289 14.63 -1.56 -11.19
C ILE B 289 14.81 -0.69 -12.42
N ALA B 290 14.28 0.51 -12.40
CA ALA B 290 14.55 1.47 -13.47
C ALA B 290 16.05 1.74 -13.59
N GLY B 291 16.73 1.88 -12.47
CA GLY B 291 18.17 2.07 -12.45
C GLY B 291 18.99 0.89 -12.98
N VAL B 292 18.63 -0.33 -12.56
CA VAL B 292 19.34 -1.51 -13.04
C VAL B 292 19.22 -1.65 -14.56
N LEU B 293 18.00 -1.48 -15.07
CA LEU B 293 17.70 -1.61 -16.48
C LEU B 293 18.34 -0.54 -17.39
N ASP B 294 18.45 0.70 -16.91
CA ASP B 294 19.12 1.79 -17.66
C ASP B 294 20.61 1.49 -17.81
N ALA B 295 21.24 1.12 -16.70
CA ALA B 295 22.64 0.68 -16.66
C ALA B 295 22.91 -0.52 -17.59
N CYS B 296 21.96 -1.44 -17.69
CA CYS B 296 22.07 -2.56 -18.64
C CYS B 296 22.02 -2.10 -20.09
N GLY B 297 21.14 -1.14 -20.36
CA GLY B 297 21.00 -0.55 -21.70
C GLY B 297 22.16 0.33 -22.14
N LYS B 298 22.73 1.11 -21.23
CA LYS B 298 23.96 1.86 -21.58
C LYS B 298 25.09 0.89 -21.98
N ASN B 299 25.27 -0.20 -21.22
CA ASN B 299 26.30 -1.20 -21.55
C ASN B 299 26.00 -2.14 -22.73
N ARG B 300 24.93 -1.84 -23.48
CA ARG B 300 24.50 -2.67 -24.61
C ARG B 300 24.37 -4.15 -24.23
N LYS B 301 23.92 -4.39 -23.00
CA LYS B 301 23.81 -5.72 -22.41
C LYS B 301 22.32 -5.96 -22.25
N TYR B 302 21.69 -6.21 -23.39
CA TYR B 302 20.25 -6.38 -23.50
C TYR B 302 20.14 -7.88 -23.44
N GLY B 303 19.28 -8.45 -22.62
CA GLY B 303 19.35 -9.92 -22.42
C GLY B 303 19.48 -10.18 -20.94
N ILE B 304 20.36 -9.40 -20.31
CA ILE B 304 20.54 -9.38 -18.88
C ILE B 304 19.39 -8.61 -18.32
N GLY B 305 19.12 -7.46 -18.91
CA GLY B 305 18.01 -6.59 -18.49
C GLY B 305 16.68 -7.24 -18.69
N ILE B 306 16.45 -7.81 -19.87
CA ILE B 306 15.22 -8.54 -20.17
C ILE B 306 15.05 -9.80 -19.33
N GLY B 307 16.15 -10.49 -19.01
CA GLY B 307 16.12 -11.60 -18.06
C GLY B 307 15.63 -11.19 -16.67
N LEU B 308 15.93 -9.95 -16.28
CA LEU B 308 15.44 -9.39 -15.03
C LEU B 308 13.93 -9.22 -15.06
N CYS B 309 13.43 -8.67 -16.15
CA CYS B 309 11.98 -8.48 -16.33
C CYS B 309 11.26 -9.82 -16.33
N LEU B 310 11.84 -10.80 -17.01
CA LEU B 310 11.35 -12.19 -17.06
C LEU B 310 11.46 -13.03 -15.77
N GLY B 311 12.25 -12.59 -14.80
CA GLY B 311 12.34 -13.26 -13.50
C GLY B 311 13.61 -14.07 -13.23
N GLU B 312 14.59 -14.01 -14.14
CA GLU B 312 15.90 -14.63 -13.91
C GLU B 312 16.63 -13.88 -12.81
N ARG B 313 17.25 -14.61 -11.88
CA ARG B 313 17.84 -14.00 -10.67
C ARG B 313 19.01 -14.76 -10.02
N GLU B 314 19.80 -15.46 -10.81
CA GLU B 314 20.96 -16.16 -10.27
C GLU B 314 22.17 -15.25 -10.48
N GLY B 315 23.00 -15.57 -11.46
CA GLY B 315 24.17 -14.77 -11.79
C GLY B 315 23.86 -13.64 -12.76
N ALA B 316 22.65 -13.65 -13.33
CA ALA B 316 22.21 -12.54 -14.19
C ALA B 316 21.98 -11.27 -13.37
N LEU B 317 21.44 -11.43 -12.16
CA LEU B 317 21.31 -10.32 -11.23
C LEU B 317 22.67 -9.84 -10.75
N ASP B 318 23.57 -10.77 -10.46
CA ASP B 318 24.92 -10.42 -10.02
C ASP B 318 25.62 -9.57 -11.08
N VAL B 319 25.47 -9.98 -12.35
CA VAL B 319 26.05 -9.23 -13.50
C VAL B 319 25.38 -7.87 -13.72
N ALA B 320 24.07 -7.80 -13.52
CA ALA B 320 23.34 -6.54 -13.63
C ALA B 320 23.80 -5.53 -12.59
N LEU B 321 23.97 -5.99 -11.34
CA LEU B 321 24.38 -5.13 -10.23
C LEU B 321 25.82 -4.67 -10.34
N GLU B 322 26.67 -5.48 -10.94
CA GLU B 322 28.05 -5.09 -11.20
C GLU B 322 28.09 -3.97 -12.25
N LEU B 323 27.18 -4.03 -13.23
CA LEU B 323 27.10 -3.02 -14.27
C LEU B 323 26.69 -1.66 -13.75
N GLN B 324 25.75 -1.69 -12.80
CA GLN B 324 25.28 -0.51 -12.15
C GLN B 324 26.35 0.11 -11.23
N LYS B 325 27.10 -0.72 -10.50
CA LYS B 325 28.24 -0.20 -9.73
C LYS B 325 29.21 0.60 -10.65
N ASN B 326 29.65 -0.02 -11.76
CA ASN B 326 30.56 0.61 -12.74
C ASN B 326 30.01 1.85 -13.46
N TYR B 327 28.73 1.84 -13.80
CA TYR B 327 28.08 3.04 -14.32
C TYR B 327 28.05 4.13 -13.27
N ARG B 328 27.75 3.78 -12.04
CA ARG B 328 27.72 4.75 -10.95
C ARG B 328 29.09 5.32 -10.56
N GLU B 329 30.15 4.54 -10.64
CA GLU B 329 31.49 5.09 -10.37
C GLU B 329 31.88 6.13 -11.44
N GLU B 330 31.49 5.85 -12.68
CA GLU B 330 31.63 6.77 -13.80
C GLU B 330 30.86 8.07 -13.61
N LEU B 331 29.63 8.00 -13.08
CA LEU B 331 28.85 9.20 -12.85
C LEU B 331 29.43 10.05 -11.74
N VAL B 332 30.00 9.39 -10.75
CA VAL B 332 30.66 10.04 -9.64
C VAL B 332 31.93 10.77 -10.11
N LYS B 333 32.62 10.24 -11.11
CA LYS B 333 33.96 10.70 -11.45
C LYS B 333 34.21 12.08 -12.17
N GLY B 334 33.36 12.65 -13.03
CA GLY B 334 31.92 12.52 -13.19
C GLY B 334 31.33 13.86 -12.74
N LEU B 335 30.57 13.81 -11.64
CA LEU B 335 30.22 14.99 -10.87
C LEU B 335 31.45 15.60 -10.19
N ALA B 336 32.46 14.77 -9.89
CA ALA B 336 33.69 15.27 -9.25
C ALA B 336 34.40 16.22 -10.20
N TRP B 337 34.45 15.85 -11.47
CA TRP B 337 35.03 16.70 -12.49
C TRP B 337 34.28 18.04 -12.60
N ILE B 338 32.95 18.02 -12.45
CA ILE B 338 32.15 19.26 -12.46
C ILE B 338 32.30 20.09 -11.19
N ARG B 339 32.43 19.46 -10.02
CA ARG B 339 32.59 20.23 -8.77
C ARG B 339 33.89 21.02 -8.78
N ARG B 340 34.93 20.47 -9.41
CA ARG B 340 36.27 21.09 -9.45
C ARG B 340 36.46 22.14 -10.58
N GLU B 341 36.41 21.71 -11.84
CA GLU B 341 36.38 22.60 -13.05
C GLU B 341 35.32 23.71 -13.04
N GLY B 342 34.10 23.36 -12.69
CA GLY B 342 32.94 24.24 -12.90
C GLY B 342 32.56 24.68 -14.32
N SER B 343 31.46 25.45 -14.41
CA SER B 343 30.93 25.89 -15.72
C SER B 343 31.33 27.33 -16.01
N THR B 344 31.37 27.68 -17.29
CA THR B 344 31.54 29.08 -17.66
C THR B 344 30.13 29.58 -18.03
N THR B 345 29.79 30.80 -17.60
CA THR B 345 28.47 31.39 -17.85
C THR B 345 28.62 32.50 -18.90
N LEU B 346 27.80 32.47 -19.96
CA LEU B 346 27.69 33.58 -20.92
C LEU B 346 26.66 34.60 -20.36
N GLU B 347 25.59 34.92 -21.09
CA GLU B 347 24.54 35.85 -20.61
C GLU B 347 23.24 35.12 -20.25
N ASN B 348 22.84 34.17 -21.09
CA ASN B 348 21.60 33.43 -20.95
C ASN B 348 21.79 31.91 -20.82
N LEU B 349 23.04 31.48 -20.66
CA LEU B 349 23.42 30.08 -20.54
C LEU B 349 24.81 29.90 -19.92
N GLN B 350 25.10 28.65 -19.57
CA GLN B 350 26.38 28.22 -19.04
C GLN B 350 26.74 26.90 -19.73
N TYR B 351 28.03 26.62 -19.85
CA TYR B 351 28.48 25.42 -20.50
C TYR B 351 29.70 24.81 -19.84
N ILE B 352 29.93 23.57 -20.17
CA ILE B 352 30.97 22.76 -19.59
C ILE B 352 31.51 21.88 -20.73
N TYR B 353 32.82 21.69 -20.80
CA TYR B 353 33.47 21.10 -21.99
C TYR B 353 34.45 19.99 -21.62
N SER B 354 34.36 18.88 -22.34
CA SER B 354 35.27 17.76 -22.10
C SER B 354 35.76 17.14 -23.39
N GLU B 355 37.06 16.86 -23.42
CA GLU B 355 37.64 15.96 -24.44
C GLU B 355 37.96 14.59 -23.84
N ASP B 356 37.65 14.41 -22.55
CA ASP B 356 37.98 13.19 -21.83
C ASP B 356 37.05 12.05 -22.24
N LYS B 357 37.64 10.94 -22.69
CA LYS B 357 36.86 9.76 -23.09
C LYS B 357 35.83 9.31 -22.07
N ALA B 358 36.18 9.34 -20.78
CA ALA B 358 35.29 8.83 -19.73
C ALA B 358 33.92 9.55 -19.73
N PHE B 359 33.92 10.86 -19.96
CA PHE B 359 32.70 11.67 -19.88
C PHE B 359 31.91 11.85 -21.20
N LYS B 360 32.24 11.06 -22.23
CA LYS B 360 31.68 11.23 -23.56
C LYS B 360 30.22 10.69 -23.66
N GLY B 361 29.97 9.52 -23.09
CA GLY B 361 28.62 8.89 -23.09
C GLY B 361 27.73 9.14 -21.87
N ILE B 362 28.16 10.01 -20.96
CA ILE B 362 27.40 10.38 -19.77
C ILE B 362 27.21 11.90 -19.61
N MET B 363 27.76 12.68 -20.53
CA MET B 363 27.71 14.12 -20.40
C MET B 363 26.30 14.64 -20.09
N GLY B 364 25.28 14.05 -20.69
CA GLY B 364 23.89 14.49 -20.48
C GLY B 364 23.43 14.28 -19.05
N THR B 365 23.70 13.07 -18.54
CA THR B 365 23.24 12.68 -17.23
C THR B 365 23.89 13.51 -16.14
N ILE B 366 25.22 13.63 -16.17
CA ILE B 366 25.92 14.44 -15.17
C ILE B 366 25.51 15.92 -15.26
N ALA B 367 25.36 16.44 -16.47
CA ALA B 367 24.79 17.79 -16.67
C ALA B 367 23.47 17.97 -15.89
N SER B 368 22.53 17.06 -16.09
CA SER B 368 21.24 17.04 -15.36
C SER B 368 21.33 16.90 -13.85
N ILE B 369 22.19 16.02 -13.39
CA ILE B 369 22.38 15.80 -11.96
C ILE B 369 23.02 17.01 -11.31
N SER B 370 23.98 17.64 -11.98
CA SER B 370 24.61 18.84 -11.40
C SER B 370 23.65 20.06 -11.23
N LEU B 371 22.56 20.12 -12.00
CA LEU B 371 21.53 21.15 -11.78
C LEU B 371 20.66 20.80 -10.56
N SER B 372 20.16 19.57 -10.50
CA SER B 372 19.43 19.06 -9.33
C SER B 372 20.19 19.18 -8.01
N LEU B 373 21.52 19.07 -8.06
CA LEU B 373 22.41 19.23 -6.90
C LEU B 373 22.76 20.67 -6.54
N LYS B 374 22.45 21.62 -7.42
CA LYS B 374 22.88 23.02 -7.23
C LYS B 374 24.42 23.16 -7.11
N ILE B 375 25.17 22.28 -7.79
CA ILE B 375 26.60 22.48 -8.06
C ILE B 375 26.70 23.60 -9.11
N LEU B 376 25.91 23.44 -10.20
CA LEU B 376 25.68 24.46 -11.20
C LEU B 376 24.29 25.05 -11.01
N ASP B 377 24.15 26.33 -11.36
CA ASP B 377 22.93 27.09 -11.09
C ASP B 377 21.74 26.56 -11.92
N PRO B 378 20.70 26.02 -11.26
CA PRO B 378 19.59 25.40 -12.01
C PRO B 378 18.70 26.35 -12.83
N ASP B 379 18.79 27.65 -12.59
CA ASP B 379 17.99 28.65 -13.32
C ASP B 379 18.60 28.92 -14.70
N ILE B 380 19.94 28.99 -14.77
CA ILE B 380 20.65 29.22 -16.03
C ILE B 380 20.78 27.90 -16.83
N PRO B 381 20.27 27.85 -18.08
CA PRO B 381 20.37 26.65 -18.93
C PRO B 381 21.80 26.15 -19.19
N LEU B 382 22.00 24.84 -19.13
CA LEU B 382 23.34 24.22 -19.14
C LEU B 382 23.59 23.39 -20.37
N LEU B 383 24.63 23.72 -21.13
CA LEU B 383 25.07 22.92 -22.29
C LEU B 383 26.32 22.12 -21.98
N GLY B 384 26.22 20.80 -22.05
CA GLY B 384 27.39 19.93 -21.88
C GLY B 384 27.99 19.53 -23.22
N LEU B 385 29.32 19.64 -23.35
CA LEU B 385 29.98 19.49 -24.65
C LEU B 385 31.10 18.45 -24.65
N SER B 386 30.99 17.43 -25.50
CA SER B 386 32.04 16.41 -25.68
C SER B 386 32.65 16.50 -27.09
N ARG B 387 33.96 16.72 -27.18
CA ARG B 387 34.63 16.68 -28.51
C ARG B 387 34.53 15.25 -29.03
N MET B 388 34.23 15.11 -30.32
CA MET B 388 34.11 13.82 -30.99
C MET B 388 34.88 13.95 -32.27
N ASP B 389 36.20 13.81 -32.16
CA ASP B 389 37.12 13.97 -33.26
C ASP B 389 37.05 15.44 -33.75
N GLN B 390 36.52 15.71 -34.96
CA GLN B 390 36.43 17.09 -35.51
C GLN B 390 35.07 17.77 -35.25
N HIS B 391 34.14 17.05 -34.63
CA HIS B 391 32.85 17.58 -34.23
C HIS B 391 32.80 17.72 -32.72
N VAL B 392 31.67 18.19 -32.21
CA VAL B 392 31.43 18.22 -30.77
C VAL B 392 29.97 17.89 -30.50
N LYS B 393 29.72 16.89 -29.66
CA LYS B 393 28.37 16.50 -29.27
C LYS B 393 27.88 17.37 -28.12
N VAL B 394 26.69 17.94 -28.27
CA VAL B 394 26.10 18.86 -27.29
C VAL B 394 24.87 18.24 -26.62
N SER B 395 24.83 18.24 -25.29
CA SER B 395 23.68 17.84 -24.53
C SER B 395 23.24 19.04 -23.72
N ALA B 396 22.17 19.71 -24.15
CA ALA B 396 21.59 20.81 -23.35
C ALA B 396 20.59 20.28 -22.33
N ARG B 397 20.63 20.81 -21.11
CA ARG B 397 19.71 20.40 -20.04
C ARG B 397 19.36 21.59 -19.18
N THR B 398 18.10 21.66 -18.74
CA THR B 398 17.68 22.73 -17.85
C THR B 398 16.63 22.21 -16.84
N THR B 399 16.00 23.14 -16.12
CA THR B 399 15.00 22.85 -15.10
C THR B 399 13.67 23.47 -15.52
N ARG B 400 12.57 22.85 -15.10
CA ARG B 400 11.20 23.28 -15.47
C ARG B 400 10.94 24.79 -15.27
N PRO B 401 11.44 25.38 -14.15
CA PRO B 401 11.34 26.83 -13.94
C PRO B 401 11.99 27.72 -15.02
N ALA B 402 13.05 27.23 -15.66
CA ALA B 402 13.65 27.94 -16.79
C ALA B 402 12.81 27.80 -18.05
N VAL B 403 12.05 26.71 -18.14
CA VAL B 403 11.10 26.51 -19.26
C VAL B 403 9.91 27.45 -19.16
N GLU B 404 9.38 27.61 -17.95
CA GLU B 404 8.27 28.52 -17.67
C GLU B 404 8.55 29.98 -18.01
N ARG B 405 9.81 30.40 -17.91
CA ARG B 405 10.19 31.78 -18.28
C ARG B 405 10.38 31.94 -19.81
N GLY B 406 10.26 30.83 -20.56
CA GLY B 406 10.25 30.85 -22.04
C GLY B 406 11.30 30.03 -22.79
N VAL B 407 12.15 29.27 -22.09
CA VAL B 407 13.21 28.48 -22.72
C VAL B 407 12.59 27.30 -23.49
N ASN B 408 13.11 27.05 -24.69
CA ASN B 408 12.91 25.79 -25.41
C ASN B 408 14.26 25.42 -26.03
N LEU B 409 14.94 24.45 -25.45
CA LEU B 409 16.28 24.07 -25.91
C LEU B 409 16.24 23.38 -27.29
N GLY B 410 15.22 22.56 -27.53
CA GLY B 410 15.04 21.90 -28.82
C GLY B 410 15.03 22.87 -29.99
N VAL B 411 14.31 23.98 -29.86
CA VAL B 411 14.16 24.91 -30.97
C VAL B 411 15.46 25.68 -31.16
N ALA B 412 16.00 26.18 -30.05
CA ALA B 412 17.27 26.92 -30.05
C ALA B 412 18.42 26.11 -30.62
N LEU B 413 18.51 24.82 -30.26
CA LEU B 413 19.62 23.95 -30.72
C LEU B 413 19.48 23.54 -32.17
N ARG B 414 18.29 23.12 -32.58
CA ARG B 414 18.01 22.75 -33.97
C ARG B 414 18.36 23.88 -34.91
N ASP B 415 17.83 25.07 -34.61
CA ASP B 415 18.10 26.27 -35.40
C ASP B 415 19.58 26.66 -35.40
N ALA B 416 20.19 26.70 -34.21
CA ALA B 416 21.61 27.03 -34.05
C ALA B 416 22.52 25.98 -34.67
N ALA B 417 22.25 24.70 -34.43
CA ALA B 417 23.04 23.63 -35.05
C ALA B 417 22.99 23.69 -36.57
N ALA B 418 21.76 23.73 -37.12
CA ALA B 418 21.48 23.85 -38.57
C ALA B 418 22.33 24.91 -39.26
N SER B 419 22.33 26.12 -38.69
CA SER B 419 23.03 27.24 -39.31
C SER B 419 24.54 27.09 -39.53
N PHE B 420 25.19 26.13 -38.87
CA PHE B 420 26.61 25.79 -39.11
C PHE B 420 26.76 24.47 -39.88
N GLY B 421 25.67 23.93 -40.41
CA GLY B 421 25.69 22.63 -41.10
C GLY B 421 25.47 21.41 -40.23
N GLY B 422 25.29 21.59 -38.92
CA GLY B 422 25.08 20.47 -37.99
C GLY B 422 23.61 20.16 -37.72
N THR B 423 23.34 18.97 -37.18
CA THR B 423 21.99 18.54 -36.85
C THR B 423 21.71 18.74 -35.35
N GLY B 424 20.54 19.28 -35.00
CA GLY B 424 20.09 19.35 -33.60
C GLY B 424 18.58 19.30 -33.39
N GLY B 425 18.17 19.07 -32.15
CA GLY B 425 16.76 19.10 -31.77
C GLY B 425 16.50 18.50 -30.39
N GLY B 426 15.26 18.06 -30.16
CA GLY B 426 14.84 17.46 -28.91
C GLY B 426 13.65 18.22 -28.31
N HIS B 427 13.55 18.19 -26.99
CA HIS B 427 12.42 18.75 -26.24
C HIS B 427 12.72 20.18 -25.79
N ASP B 428 11.81 20.75 -24.99
CA ASP B 428 12.05 22.06 -24.37
C ASP B 428 13.07 22.01 -23.21
N ILE B 429 13.00 20.93 -22.42
CA ILE B 429 13.79 20.77 -21.19
C ILE B 429 15.18 20.12 -21.44
N ALA B 430 15.27 19.29 -22.48
CA ALA B 430 16.49 18.61 -22.87
C ALA B 430 16.55 18.52 -24.39
N ALA B 431 17.72 18.82 -24.94
CA ALA B 431 17.97 18.79 -26.36
C ALA B 431 19.41 18.36 -26.63
N GLY B 432 19.66 17.95 -27.87
CA GLY B 432 20.98 17.59 -28.36
C GLY B 432 21.36 18.39 -29.61
N ALA B 433 22.63 18.29 -29.98
CA ALA B 433 23.13 18.88 -31.21
C ALA B 433 24.53 18.34 -31.47
N MET B 434 24.91 18.30 -32.75
CA MET B 434 26.23 17.89 -33.19
C MET B 434 26.71 19.02 -34.07
N VAL B 435 27.87 19.60 -33.75
CA VAL B 435 28.42 20.72 -34.54
C VAL B 435 29.91 20.56 -34.80
N PRO B 436 30.42 21.14 -35.91
CA PRO B 436 31.86 21.07 -36.19
C PRO B 436 32.66 21.73 -35.09
N TYR B 437 33.79 21.13 -34.71
CA TYR B 437 34.60 21.66 -33.60
C TYR B 437 35.01 23.13 -33.79
N ARG B 438 35.26 23.52 -35.04
CA ARG B 438 35.72 24.87 -35.36
C ARG B 438 34.64 25.95 -35.18
N ASP B 439 33.36 25.56 -35.08
CA ASP B 439 32.23 26.51 -34.97
C ASP B 439 31.64 26.63 -33.55
N MET B 440 32.33 26.09 -32.55
CA MET B 440 31.78 25.88 -31.21
C MET B 440 31.50 27.18 -30.46
N GLU B 441 32.45 28.12 -30.49
CA GLU B 441 32.27 29.41 -29.81
C GLU B 441 31.10 30.21 -30.41
N SER B 442 31.11 30.31 -31.74
CA SER B 442 30.05 30.97 -32.50
C SER B 442 28.67 30.37 -32.23
N PHE B 443 28.59 29.05 -32.31
CA PHE B 443 27.40 28.30 -31.92
C PHE B 443 26.92 28.66 -30.52
N LEU B 444 27.85 28.68 -29.56
CA LEU B 444 27.51 29.01 -28.18
C LEU B 444 27.06 30.44 -28.00
N GLN B 445 27.63 31.36 -28.77
CA GLN B 445 27.09 32.72 -28.84
C GLN B 445 25.73 32.72 -29.49
N LEU B 446 25.52 31.90 -30.51
CA LEU B 446 24.21 31.87 -31.18
C LEU B 446 23.12 31.25 -30.31
N VAL B 447 23.41 30.19 -29.56
CA VAL B 447 22.40 29.64 -28.63
C VAL B 447 22.09 30.65 -27.50
N ASP B 448 23.09 31.46 -27.15
CA ASP B 448 22.93 32.50 -26.13
C ASP B 448 21.99 33.61 -26.60
N GLU B 449 22.17 34.07 -27.83
CA GLU B 449 21.29 35.08 -28.44
C GLU B 449 19.83 34.59 -28.60
N ILE B 450 19.66 33.33 -28.98
CA ILE B 450 18.32 32.74 -29.12
C ILE B 450 17.59 32.61 -27.78
N LEU B 451 18.27 32.08 -26.77
CA LEU B 451 17.65 31.92 -25.44
C LEU B 451 17.29 33.25 -24.76
N GLY B 452 18.08 34.29 -25.01
CA GLY B 452 17.76 35.64 -24.54
C GLY B 452 16.52 36.21 -25.22
N THR B 453 16.38 35.91 -26.51
CA THR B 453 15.19 36.28 -27.27
C THR B 453 13.96 35.52 -26.73
N GLN B 454 14.13 34.22 -26.49
CA GLN B 454 13.08 33.37 -25.97
C GLN B 454 12.50 33.82 -24.61
N THR B 455 13.30 34.47 -23.76
CA THR B 455 12.89 34.82 -22.38
C THR B 455 12.60 36.29 -22.02
N GLY B 456 12.96 37.24 -22.89
CA GLY B 456 12.77 38.67 -22.56
C GLY B 456 12.77 39.62 -23.73
MN MN C . -10.77 -11.00 20.92
MN MN D . -9.02 -8.53 22.02
MN MN E . 12.62 5.04 -24.78
MN MN F . 9.85 5.85 -23.65
#